data_1CLD
#
_entry.id   1CLD
#
_cell.length_a   1.000
_cell.length_b   1.000
_cell.length_c   1.000
_cell.angle_alpha   90.00
_cell.angle_beta   90.00
_cell.angle_gamma   90.00
#
_symmetry.space_group_name_H-M   'P 1'
#
loop_
_entity.id
_entity.type
_entity.pdbx_description
1 polymer CD2-LAC9
2 non-polymer 'CADMIUM ION'
#
_entity_poly.entity_id   1
_entity_poly.type   'polypeptide(L)'
_entity_poly.pdbx_seq_one_letter_code
;MKKSSEVMHQACDACRKKKWKCSKTVPTCTNCLKYNLDCVYSPQVVRTPLTRAHLTEMENR
;
_entity_poly.pdbx_strand_id   A
#
loop_
_chem_comp.id
_chem_comp.type
_chem_comp.name
_chem_comp.formula
CD non-polymer 'CADMIUM ION' 'Cd 2'
#
# COMPACT_ATOMS: atom_id res chain seq x y z
N GLN A 10 -7.33 5.77 5.93
CA GLN A 10 -6.98 4.35 6.23
C GLN A 10 -5.72 3.97 5.43
N ALA A 11 -5.24 2.77 5.61
CA ALA A 11 -4.02 2.34 4.87
C ALA A 11 -4.44 1.71 3.53
N CYS A 12 -3.51 1.51 2.65
CA CYS A 12 -3.83 0.91 1.33
C CYS A 12 -4.04 -0.61 1.50
N ASP A 13 -4.64 -1.25 0.54
CA ASP A 13 -4.88 -2.72 0.66
C ASP A 13 -3.61 -3.45 1.11
N ALA A 14 -2.48 -3.02 0.64
CA ALA A 14 -1.21 -3.68 1.05
C ALA A 14 -0.95 -3.46 2.53
N CYS A 15 -0.91 -2.23 2.95
CA CYS A 15 -0.66 -1.93 4.38
C CYS A 15 -1.87 -2.37 5.22
N ARG A 16 -2.92 -2.79 4.58
CA ARG A 16 -4.12 -3.23 5.34
C ARG A 16 -3.96 -4.71 5.69
N LYS A 17 -3.29 -5.46 4.86
CA LYS A 17 -3.09 -6.90 5.15
C LYS A 17 -1.88 -7.07 6.07
N LYS A 18 -0.89 -6.24 5.91
CA LYS A 18 0.32 -6.34 6.77
C LYS A 18 0.23 -5.30 7.89
N LYS A 19 -0.58 -4.29 7.71
CA LYS A 19 -0.72 -3.24 8.76
C LYS A 19 0.57 -2.43 8.86
N TRP A 20 1.00 -1.83 7.79
CA TRP A 20 2.26 -1.01 7.84
C TRP A 20 1.93 0.45 7.59
N LYS A 21 0.69 0.81 7.75
CA LYS A 21 0.27 2.22 7.53
C LYS A 21 0.63 2.64 6.09
N CYS A 22 -0.18 3.45 5.47
CA CYS A 22 0.15 3.89 4.08
C CYS A 22 0.05 5.41 3.97
N SER A 23 0.61 5.98 2.93
CA SER A 23 0.55 7.45 2.76
C SER A 23 -0.65 7.79 1.87
N LYS A 24 -1.19 6.80 1.22
CA LYS A 24 -2.38 7.02 0.35
C LYS A 24 -1.95 7.73 -0.92
N THR A 25 -1.05 7.13 -1.67
CA THR A 25 -0.58 7.75 -2.93
C THR A 25 -0.59 6.69 -4.03
N VAL A 26 -0.87 7.08 -5.25
CA VAL A 26 -0.90 6.09 -6.37
C VAL A 26 0.29 6.35 -7.30
N PRO A 27 0.52 5.42 -8.20
CA PRO A 27 -0.30 4.20 -8.33
C PRO A 27 -0.03 3.25 -7.16
N THR A 28 1.21 2.99 -6.86
CA THR A 28 1.54 2.07 -5.75
C THR A 28 2.12 2.86 -4.57
N CYS A 29 1.65 2.59 -3.39
CA CYS A 29 2.18 3.31 -2.19
C CYS A 29 3.67 2.99 -2.05
N THR A 30 4.41 3.84 -1.39
CA THR A 30 5.86 3.59 -1.23
C THR A 30 6.11 2.18 -0.67
N ASN A 31 5.18 1.65 0.08
CA ASN A 31 5.40 0.29 0.66
C ASN A 31 5.24 -0.80 -0.42
N CYS A 32 4.40 -0.57 -1.39
CA CYS A 32 4.20 -1.58 -2.46
C CYS A 32 5.34 -1.48 -3.48
N LEU A 33 5.77 -0.29 -3.80
CA LEU A 33 6.87 -0.15 -4.78
C LEU A 33 8.16 -0.68 -4.14
N LYS A 34 8.19 -0.75 -2.83
CA LYS A 34 9.39 -1.27 -2.14
C LYS A 34 9.38 -2.79 -2.21
N TYR A 35 8.37 -3.41 -1.69
CA TYR A 35 8.30 -4.90 -1.73
C TYR A 35 7.67 -5.34 -3.06
N ASN A 36 7.46 -4.42 -3.96
CA ASN A 36 6.86 -4.79 -5.27
C ASN A 36 5.64 -5.68 -5.04
N LEU A 37 4.51 -5.07 -4.75
CA LEU A 37 3.28 -5.87 -4.51
C LEU A 37 2.10 -5.22 -5.23
N ASP A 38 1.00 -5.91 -5.34
CA ASP A 38 -0.19 -5.33 -6.04
C ASP A 38 -0.85 -4.29 -5.12
N CYS A 39 -0.56 -3.04 -5.34
CA CYS A 39 -1.17 -1.97 -4.50
C CYS A 39 -2.59 -1.69 -4.98
N VAL A 40 -3.57 -1.97 -4.16
CA VAL A 40 -4.98 -1.72 -4.57
C VAL A 40 -5.67 -0.89 -3.49
N TYR A 41 -6.80 -0.32 -3.80
CA TYR A 41 -7.53 0.50 -2.79
C TYR A 41 -9.00 0.09 -2.76
N SER A 42 -9.70 0.40 -1.71
CA SER A 42 -11.15 0.03 -1.62
C SER A 42 -11.83 0.89 -0.56
CD CD B . 0.46 1.16 1.50
CD CD C . 0.00 -0.46 -1.72
N GLN A 10 -8.08 3.35 6.10
CA GLN A 10 -6.98 4.34 6.32
C GLN A 10 -5.65 3.73 5.90
N ALA A 11 -5.64 2.96 4.86
CA ALA A 11 -4.36 2.33 4.39
C ALA A 11 -4.60 1.62 3.06
N CYS A 12 -3.54 1.30 2.37
CA CYS A 12 -3.69 0.61 1.06
C CYS A 12 -3.93 -0.89 1.31
N ASP A 13 -4.31 -1.64 0.29
CA ASP A 13 -4.59 -3.09 0.49
C ASP A 13 -3.41 -3.78 1.17
N ALA A 14 -2.21 -3.41 0.84
CA ALA A 14 -1.02 -4.05 1.47
C ALA A 14 -0.95 -3.64 2.94
N CYS A 15 -0.91 -2.38 3.21
CA CYS A 15 -0.84 -1.90 4.61
C CYS A 15 -2.18 -2.18 5.32
N ARG A 16 -3.15 -2.67 4.59
CA ARG A 16 -4.47 -2.96 5.23
C ARG A 16 -4.46 -4.39 5.78
N LYS A 17 -3.83 -5.30 5.09
CA LYS A 17 -3.79 -6.71 5.58
C LYS A 17 -2.62 -6.85 6.56
N LYS A 18 -1.61 -6.04 6.41
CA LYS A 18 -0.45 -6.13 7.33
C LYS A 18 -0.50 -4.96 8.31
N LYS A 19 -1.25 -3.93 7.99
CA LYS A 19 -1.35 -2.76 8.90
C LYS A 19 -0.02 -2.01 8.92
N TRP A 20 0.48 -1.66 7.76
CA TRP A 20 1.78 -0.91 7.72
C TRP A 20 1.50 0.57 7.51
N LYS A 21 0.37 1.03 7.98
CA LYS A 21 0.01 2.47 7.82
C LYS A 21 0.49 3.00 6.47
N CYS A 22 -0.36 2.98 5.47
CA CYS A 22 0.07 3.48 4.14
C CYS A 22 -0.03 5.00 4.11
N SER A 23 0.62 5.65 3.18
CA SER A 23 0.57 7.13 3.09
C SER A 23 -0.60 7.54 2.21
N LYS A 24 -1.03 6.64 1.37
CA LYS A 24 -2.19 6.92 0.47
C LYS A 24 -1.70 7.65 -0.79
N THR A 25 -0.90 6.98 -1.57
CA THR A 25 -0.38 7.60 -2.83
C THR A 25 -0.46 6.56 -3.96
N VAL A 26 -0.73 7.01 -5.15
CA VAL A 26 -0.83 6.04 -6.29
C VAL A 26 0.33 6.28 -7.26
N PRO A 27 0.52 5.34 -8.16
CA PRO A 27 -0.30 4.13 -8.25
C PRO A 27 0.01 3.17 -7.09
N THR A 28 1.26 2.93 -6.83
CA THR A 28 1.64 2.00 -5.74
C THR A 28 2.22 2.78 -4.55
N CYS A 29 1.69 2.56 -3.38
CA CYS A 29 2.23 3.26 -2.18
C CYS A 29 3.71 2.95 -2.05
N THR A 30 4.47 3.79 -1.40
CA THR A 30 5.92 3.53 -1.27
C THR A 30 6.17 2.11 -0.76
N ASN A 31 5.26 1.57 0.00
CA ASN A 31 5.46 0.17 0.52
C ASN A 31 5.55 -0.81 -0.65
N CYS A 32 4.55 -0.84 -1.49
CA CYS A 32 4.56 -1.78 -2.64
C CYS A 32 5.68 -1.42 -3.61
N LEU A 33 5.88 -0.17 -3.88
CA LEU A 33 6.96 0.22 -4.81
C LEU A 33 8.29 -0.25 -4.25
N LYS A 34 8.37 -0.42 -2.96
CA LYS A 34 9.63 -0.90 -2.34
C LYS A 34 9.80 -2.37 -2.66
N TYR A 35 8.96 -3.21 -2.13
CA TYR A 35 9.07 -4.67 -2.41
C TYR A 35 8.30 -5.01 -3.69
N ASN A 36 8.02 -4.02 -4.51
CA ASN A 36 7.28 -4.30 -5.77
C ASN A 36 6.13 -5.27 -5.50
N LEU A 37 5.00 -4.76 -5.09
CA LEU A 37 3.84 -5.64 -4.81
C LEU A 37 2.58 -5.06 -5.45
N ASP A 38 1.57 -5.88 -5.66
CA ASP A 38 0.33 -5.38 -6.28
C ASP A 38 -0.37 -4.41 -5.31
N CYS A 39 -0.27 -3.13 -5.56
CA CYS A 39 -0.92 -2.15 -4.65
C CYS A 39 -2.36 -1.87 -5.13
N VAL A 40 -3.33 -2.29 -4.38
CA VAL A 40 -4.75 -2.04 -4.78
C VAL A 40 -5.43 -1.16 -3.73
N TYR A 41 -6.54 -0.58 -4.05
CA TYR A 41 -7.24 0.28 -3.06
C TYR A 41 -8.72 -0.10 -3.01
N SER A 42 -9.36 0.17 -1.91
CA SER A 42 -10.81 -0.18 -1.78
C SER A 42 -11.31 0.21 -0.38
CD CD B . 0.52 1.03 1.44
CD CD C . 0.20 -0.74 -1.72
N GLN A 10 -6.87 2.68 8.48
CA GLN A 10 -7.07 3.24 7.11
C GLN A 10 -5.74 3.24 6.36
N ALA A 11 -5.68 2.58 5.23
CA ALA A 11 -4.42 2.53 4.44
C ALA A 11 -4.66 1.76 3.15
N CYS A 12 -3.61 1.41 2.46
CA CYS A 12 -3.76 0.67 1.18
C CYS A 12 -3.97 -0.82 1.50
N ASP A 13 -4.37 -1.60 0.52
CA ASP A 13 -4.64 -3.05 0.79
C ASP A 13 -3.40 -3.72 1.40
N ALA A 14 -2.23 -3.35 0.97
CA ALA A 14 -1.00 -3.98 1.53
C ALA A 14 -0.85 -3.58 3.00
N CYS A 15 -0.77 -2.32 3.28
CA CYS A 15 -0.61 -1.86 4.68
C CYS A 15 -1.89 -2.16 5.46
N ARG A 16 -2.93 -2.59 4.80
CA ARG A 16 -4.20 -2.91 5.51
C ARG A 16 -4.13 -4.33 6.05
N LYS A 17 -3.52 -5.22 5.31
CA LYS A 17 -3.41 -6.63 5.78
C LYS A 17 -2.19 -6.77 6.69
N LYS A 18 -1.19 -5.96 6.47
CA LYS A 18 0.03 -6.04 7.33
C LYS A 18 0.03 -4.88 8.32
N LYS A 19 -0.82 -3.92 8.11
CA LYS A 19 -0.87 -2.76 9.04
C LYS A 19 0.44 -1.97 8.96
N TRP A 20 0.85 -1.58 7.78
CA TRP A 20 2.11 -0.81 7.66
C TRP A 20 1.79 0.66 7.44
N LYS A 21 0.68 1.10 7.96
CA LYS A 21 0.28 2.53 7.81
C LYS A 21 0.69 3.06 6.44
N CYS A 22 -0.21 3.03 5.49
CA CYS A 22 0.13 3.54 4.14
C CYS A 22 -0.03 5.07 4.10
N SER A 23 0.53 5.73 3.12
CA SER A 23 0.41 7.21 3.03
C SER A 23 -0.70 7.56 2.05
N LYS A 24 -1.09 6.62 1.23
CA LYS A 24 -2.17 6.86 0.24
C LYS A 24 -1.60 7.58 -0.99
N THR A 25 -0.83 6.87 -1.77
CA THR A 25 -0.24 7.48 -3.00
C THR A 25 -0.33 6.48 -4.15
N VAL A 26 -0.43 6.97 -5.36
CA VAL A 26 -0.52 6.04 -6.52
C VAL A 26 0.74 6.19 -7.39
N PRO A 27 0.93 5.24 -8.28
CA PRO A 27 0.03 4.08 -8.45
C PRO A 27 0.16 3.14 -7.26
N THR A 28 1.36 2.80 -6.90
CA THR A 28 1.57 1.87 -5.75
C THR A 28 2.16 2.63 -4.57
N CYS A 29 1.54 2.56 -3.43
CA CYS A 29 2.08 3.28 -2.24
C CYS A 29 3.58 3.01 -2.14
N THR A 30 4.32 3.88 -1.51
CA THR A 30 5.78 3.68 -1.40
C THR A 30 6.09 2.29 -0.83
N ASN A 31 5.18 1.73 -0.08
CA ASN A 31 5.45 0.38 0.51
C ASN A 31 5.34 -0.71 -0.56
N CYS A 32 4.45 -0.54 -1.51
CA CYS A 32 4.29 -1.56 -2.57
C CYS A 32 5.39 -1.40 -3.63
N LEU A 33 5.71 -0.19 -3.98
CA LEU A 33 6.79 0.01 -5.00
C LEU A 33 8.12 -0.39 -4.37
N LYS A 34 8.15 -0.54 -3.07
CA LYS A 34 9.42 -0.93 -2.40
C LYS A 34 9.57 -2.45 -2.45
N TYR A 35 8.61 -3.17 -1.94
CA TYR A 35 8.68 -4.66 -1.97
C TYR A 35 8.14 -5.17 -3.31
N ASN A 36 7.75 -4.27 -4.18
CA ASN A 36 7.21 -4.72 -5.50
C ASN A 36 6.02 -5.64 -5.28
N LEU A 37 4.85 -5.10 -5.09
CA LEU A 37 3.65 -5.95 -4.87
C LEU A 37 2.44 -5.30 -5.54
N ASP A 38 1.31 -5.95 -5.51
CA ASP A 38 0.09 -5.37 -6.16
C ASP A 38 -0.59 -4.41 -5.17
N CYS A 39 -0.59 -3.14 -5.47
CA CYS A 39 -1.23 -2.16 -4.56
C CYS A 39 -2.66 -1.88 -5.03
N VAL A 40 -3.64 -2.27 -4.27
CA VAL A 40 -5.05 -2.02 -4.68
C VAL A 40 -5.70 -1.05 -3.68
N TYR A 41 -6.79 -0.45 -4.05
CA TYR A 41 -7.47 0.50 -3.12
C TYR A 41 -8.98 0.28 -3.16
N SER A 42 -9.67 0.66 -2.12
CA SER A 42 -11.15 0.47 -2.09
C SER A 42 -11.84 1.80 -2.44
CD CD B . 0.54 1.03 1.44
CD CD C . 0.00 -0.70 -1.69
N GLN A 10 -9.01 2.01 5.28
CA GLN A 10 -7.87 2.78 5.85
C GLN A 10 -6.55 2.20 5.33
N ALA A 11 -5.61 3.05 4.99
CA ALA A 11 -4.31 2.55 4.47
C ALA A 11 -4.54 1.79 3.16
N CYS A 12 -3.50 1.51 2.44
CA CYS A 12 -3.65 0.79 1.15
C CYS A 12 -3.88 -0.70 1.44
N ASP A 13 -4.28 -1.47 0.47
CA ASP A 13 -4.55 -2.92 0.72
C ASP A 13 -3.34 -3.60 1.38
N ALA A 14 -2.16 -3.23 0.99
CA ALA A 14 -0.94 -3.87 1.60
C ALA A 14 -0.83 -3.45 3.06
N CYS A 15 -0.79 -2.17 3.31
CA CYS A 15 -0.67 -1.67 4.71
C CYS A 15 -1.98 -1.92 5.46
N ARG A 16 -2.99 -2.41 4.79
CA ARG A 16 -4.28 -2.66 5.49
C ARG A 16 -4.25 -4.06 6.09
N LYS A 17 -3.62 -4.99 5.41
CA LYS A 17 -3.54 -6.38 5.93
C LYS A 17 -2.39 -6.47 6.94
N LYS A 18 -1.38 -5.66 6.75
CA LYS A 18 -0.23 -5.69 7.69
C LYS A 18 -0.30 -4.47 8.61
N LYS A 19 -1.16 -3.54 8.30
CA LYS A 19 -1.28 -2.32 9.16
C LYS A 19 0.04 -1.55 9.16
N TRP A 20 0.59 -1.26 8.00
CA TRP A 20 1.87 -0.50 7.95
C TRP A 20 1.58 0.96 7.65
N LYS A 21 0.42 1.42 8.04
CA LYS A 21 0.03 2.84 7.80
C LYS A 21 0.55 3.31 6.45
N CYS A 22 -0.27 3.26 5.43
CA CYS A 22 0.17 3.70 4.09
C CYS A 22 0.14 5.24 4.00
N SER A 23 0.82 5.81 3.05
CA SER A 23 0.85 7.29 2.92
C SER A 23 -0.34 7.74 2.06
N LYS A 24 -0.88 6.84 1.30
CA LYS A 24 -2.05 7.16 0.45
C LYS A 24 -1.57 7.85 -0.84
N THR A 25 -0.78 7.16 -1.61
CA THR A 25 -0.27 7.73 -2.88
C THR A 25 -0.41 6.68 -3.99
N VAL A 26 -0.92 7.07 -5.12
CA VAL A 26 -1.08 6.09 -6.24
C VAL A 26 0.05 6.28 -7.25
N PRO A 27 0.20 5.32 -8.12
CA PRO A 27 -0.65 4.10 -8.15
C PRO A 27 -0.32 3.18 -6.98
N THR A 28 0.94 2.93 -6.75
CA THR A 28 1.34 2.01 -5.64
C THR A 28 2.03 2.81 -4.53
N CYS A 29 1.69 2.54 -3.29
CA CYS A 29 2.33 3.27 -2.16
C CYS A 29 3.81 2.90 -2.10
N THR A 30 4.61 3.75 -1.51
CA THR A 30 6.07 3.46 -1.43
C THR A 30 6.29 2.02 -0.95
N ASN A 31 5.51 1.56 -0.03
CA ASN A 31 5.70 0.15 0.47
C ASN A 31 5.65 -0.81 -0.72
N CYS A 32 4.65 -0.72 -1.54
CA CYS A 32 4.54 -1.61 -2.71
C CYS A 32 5.75 -1.36 -3.63
N LEU A 33 6.13 -0.12 -3.80
CA LEU A 33 7.31 0.18 -4.65
C LEU A 33 8.50 -0.57 -4.06
N LYS A 34 8.46 -0.81 -2.78
CA LYS A 34 9.58 -1.54 -2.11
C LYS A 34 9.63 -2.96 -2.65
N TYR A 35 8.67 -3.77 -2.30
CA TYR A 35 8.67 -5.18 -2.81
C TYR A 35 8.00 -5.23 -4.18
N ASN A 36 7.84 -4.10 -4.81
CA ASN A 36 7.21 -4.09 -6.17
C ASN A 36 6.01 -5.05 -6.21
N LEU A 37 4.87 -4.64 -5.71
CA LEU A 37 3.68 -5.52 -5.73
C LEU A 37 2.47 -4.74 -6.25
N ASP A 38 1.43 -5.43 -6.63
CA ASP A 38 0.22 -4.71 -7.14
C ASP A 38 -0.51 -4.03 -5.99
N CYS A 39 -0.46 -2.73 -5.94
CA CYS A 39 -1.14 -2.00 -4.83
C CYS A 39 -2.60 -1.76 -5.20
N VAL A 40 -3.51 -2.42 -4.53
CA VAL A 40 -4.96 -2.21 -4.83
C VAL A 40 -5.59 -1.37 -3.73
N TYR A 41 -6.66 -0.69 -4.04
CA TYR A 41 -7.32 0.15 -3.00
C TYR A 41 -8.80 -0.19 -2.93
N SER A 42 -9.47 0.23 -1.89
CA SER A 42 -10.92 -0.07 -1.76
C SER A 42 -11.48 0.64 -0.52
CD CD B . 0.54 1.24 1.54
CD CD C . 0.24 -0.35 -1.67
N GLN A 10 -7.56 4.81 5.34
CA GLN A 10 -6.53 4.76 6.41
C GLN A 10 -5.24 4.13 5.87
N ALA A 11 -5.36 3.09 5.08
CA ALA A 11 -4.14 2.44 4.53
C ALA A 11 -4.49 1.76 3.20
N CYS A 12 -3.49 1.43 2.42
CA CYS A 12 -3.75 0.77 1.12
C CYS A 12 -4.01 -0.72 1.36
N ASP A 13 -4.44 -1.44 0.36
CA ASP A 13 -4.74 -2.90 0.57
C ASP A 13 -3.56 -3.61 1.23
N ALA A 14 -2.36 -3.25 0.89
CA ALA A 14 -1.18 -3.91 1.50
C ALA A 14 -1.08 -3.51 2.97
N CYS A 15 -1.05 -2.24 3.23
CA CYS A 15 -0.97 -1.76 4.63
C CYS A 15 -2.29 -2.01 5.35
N ARG A 16 -3.27 -2.50 4.64
CA ARG A 16 -4.59 -2.78 5.28
C ARG A 16 -4.54 -4.16 5.94
N LYS A 17 -3.99 -5.10 5.25
CA LYS A 17 -3.90 -6.48 5.82
C LYS A 17 -2.68 -6.55 6.73
N LYS A 18 -1.68 -5.77 6.47
CA LYS A 18 -0.46 -5.78 7.33
C LYS A 18 -0.52 -4.60 8.30
N LYS A 19 -1.36 -3.63 8.04
CA LYS A 19 -1.46 -2.45 8.95
C LYS A 19 -0.12 -1.71 8.97
N TRP A 20 0.41 -1.37 7.82
CA TRP A 20 1.70 -0.64 7.79
C TRP A 20 1.45 0.84 7.49
N LYS A 21 0.32 1.34 7.92
CA LYS A 21 -0.03 2.78 7.68
C LYS A 21 0.50 3.24 6.32
N CYS A 22 -0.34 3.23 5.32
CA CYS A 22 0.11 3.68 3.96
C CYS A 22 0.06 5.21 3.89
N SER A 23 0.74 5.80 2.94
CA SER A 23 0.73 7.28 2.81
C SER A 23 -0.47 7.71 1.99
N LYS A 24 -1.00 6.81 1.20
CA LYS A 24 -2.21 7.12 0.38
C LYS A 24 -1.78 7.83 -0.90
N THR A 25 -1.01 7.15 -1.72
CA THR A 25 -0.55 7.76 -3.00
C THR A 25 -0.55 6.68 -4.08
N VAL A 26 -0.86 7.03 -5.30
CA VAL A 26 -0.89 6.02 -6.40
C VAL A 26 0.27 6.28 -7.35
N PRO A 27 0.48 5.37 -8.27
CA PRO A 27 -0.32 4.12 -8.38
C PRO A 27 -0.04 3.19 -7.20
N THR A 28 1.20 2.93 -6.93
CA THR A 28 1.55 2.01 -5.80
C THR A 28 2.13 2.82 -4.64
N CYS A 29 1.76 2.49 -3.43
CA CYS A 29 2.30 3.22 -2.26
C CYS A 29 3.80 2.92 -2.14
N THR A 30 4.55 3.79 -1.52
CA THR A 30 6.01 3.58 -1.38
C THR A 30 6.29 2.17 -0.86
N ASN A 31 5.39 1.62 -0.08
CA ASN A 31 5.64 0.25 0.48
C ASN A 31 5.53 -0.80 -0.63
N CYS A 32 4.63 -0.61 -1.56
CA CYS A 32 4.47 -1.60 -2.66
C CYS A 32 5.62 -1.45 -3.65
N LEU A 33 6.06 -0.24 -3.88
CA LEU A 33 7.18 -0.04 -4.82
C LEU A 33 8.43 -0.66 -4.20
N LYS A 34 8.44 -0.82 -2.91
CA LYS A 34 9.62 -1.43 -2.24
C LYS A 34 9.61 -2.94 -2.48
N TYR A 35 8.61 -3.62 -1.97
CA TYR A 35 8.54 -5.08 -2.18
C TYR A 35 7.85 -5.38 -3.52
N ASN A 36 7.62 -4.37 -4.31
CA ASN A 36 6.96 -4.58 -5.63
C ASN A 36 5.77 -5.53 -5.49
N LEU A 37 4.63 -5.02 -5.09
CA LEU A 37 3.43 -5.90 -4.95
C LEU A 37 2.21 -5.18 -5.52
N ASP A 38 1.30 -5.91 -6.09
CA ASP A 38 0.08 -5.27 -6.68
C ASP A 38 -0.56 -4.35 -5.63
N CYS A 39 -0.39 -3.06 -5.77
CA CYS A 39 -0.99 -2.13 -4.79
C CYS A 39 -2.44 -1.84 -5.19
N VAL A 40 -3.38 -2.29 -4.39
CA VAL A 40 -4.82 -2.04 -4.74
C VAL A 40 -5.42 -1.11 -3.69
N TYR A 41 -6.50 -0.47 -4.02
CA TYR A 41 -7.15 0.47 -3.05
C TYR A 41 -8.64 0.15 -2.93
N SER A 42 -9.25 0.52 -1.84
CA SER A 42 -10.71 0.23 -1.68
C SER A 42 -11.52 1.35 -2.32
CD CD B . 0.48 1.18 1.48
CD CD C . 0.22 -0.32 -1.66
N GLN A 10 -7.32 4.07 7.20
CA GLN A 10 -7.66 3.43 5.90
C GLN A 10 -6.49 2.56 5.45
N ALA A 11 -5.35 3.15 5.21
CA ALA A 11 -4.17 2.36 4.78
C ALA A 11 -4.50 1.61 3.48
N CYS A 12 -3.51 1.29 2.70
CA CYS A 12 -3.76 0.58 1.43
C CYS A 12 -4.00 -0.92 1.73
N ASP A 13 -4.49 -1.66 0.78
CA ASP A 13 -4.79 -3.10 1.03
C ASP A 13 -3.56 -3.82 1.61
N ALA A 14 -2.40 -3.48 1.14
CA ALA A 14 -1.18 -4.16 1.64
C ALA A 14 -0.91 -3.74 3.09
N CYS A 15 -0.90 -2.46 3.36
CA CYS A 15 -0.66 -1.98 4.74
C CYS A 15 -1.88 -2.26 5.61
N ARG A 16 -2.96 -2.71 5.04
CA ARG A 16 -4.17 -3.00 5.85
C ARG A 16 -4.06 -4.42 6.42
N LYS A 17 -3.72 -5.35 5.58
CA LYS A 17 -3.58 -6.76 6.05
C LYS A 17 -2.32 -6.91 6.90
N LYS A 18 -1.29 -6.19 6.54
CA LYS A 18 -0.02 -6.26 7.32
C LYS A 18 0.02 -5.12 8.32
N LYS A 19 -0.85 -4.15 8.16
CA LYS A 19 -0.86 -3.00 9.11
C LYS A 19 0.47 -2.24 9.02
N TRP A 20 0.85 -1.85 7.84
CA TRP A 20 2.13 -1.10 7.69
C TRP A 20 1.84 0.39 7.52
N LYS A 21 0.76 0.85 8.09
CA LYS A 21 0.38 2.29 7.99
C LYS A 21 0.77 2.87 6.63
N CYS A 22 -0.15 2.90 5.70
CA CYS A 22 0.19 3.44 4.36
C CYS A 22 -0.02 4.97 4.34
N SER A 23 0.55 5.65 3.39
CA SER A 23 0.39 7.13 3.32
C SER A 23 -0.70 7.46 2.30
N LYS A 24 -0.98 6.54 1.43
CA LYS A 24 -2.03 6.77 0.39
C LYS A 24 -1.44 7.54 -0.79
N THR A 25 -0.57 6.91 -1.53
CA THR A 25 0.04 7.58 -2.71
C THR A 25 -0.07 6.67 -3.93
N VAL A 26 -0.59 7.18 -5.01
CA VAL A 26 -0.74 6.35 -6.25
C VAL A 26 0.49 6.55 -7.14
N PRO A 27 0.71 5.63 -8.03
CA PRO A 27 -0.14 4.44 -8.21
C PRO A 27 0.04 3.46 -7.05
N THR A 28 1.27 3.16 -6.72
CA THR A 28 1.53 2.19 -5.60
C THR A 28 2.12 2.94 -4.41
N CYS A 29 1.61 2.68 -3.24
CA CYS A 29 2.15 3.36 -2.02
C CYS A 29 3.64 3.09 -1.92
N THR A 30 4.37 3.95 -1.26
CA THR A 30 5.84 3.75 -1.13
C THR A 30 6.13 2.33 -0.64
N ASN A 31 5.21 1.73 0.08
CA ASN A 31 5.46 0.35 0.59
C ASN A 31 5.35 -0.67 -0.55
N CYS A 32 4.35 -0.56 -1.38
CA CYS A 32 4.20 -1.52 -2.51
C CYS A 32 5.33 -1.31 -3.50
N LEU A 33 5.82 -0.10 -3.61
CA LEU A 33 6.94 0.17 -4.56
C LEU A 33 8.23 -0.40 -3.98
N LYS A 34 8.25 -0.65 -2.70
CA LYS A 34 9.47 -1.21 -2.06
C LYS A 34 9.54 -2.71 -2.33
N TYR A 35 8.48 -3.41 -2.02
CA TYR A 35 8.47 -4.89 -2.26
C TYR A 35 8.06 -5.17 -3.70
N ASN A 36 7.69 -4.15 -4.44
CA ASN A 36 7.27 -4.37 -5.85
C ASN A 36 6.06 -5.30 -5.90
N LEU A 37 4.90 -4.79 -5.53
CA LEU A 37 3.67 -5.63 -5.54
C LEU A 37 2.54 -4.85 -6.22
N ASP A 38 1.36 -5.42 -6.24
CA ASP A 38 0.21 -4.71 -6.87
C ASP A 38 -0.56 -3.95 -5.80
N CYS A 39 -0.21 -2.72 -5.56
CA CYS A 39 -0.92 -1.91 -4.53
C CYS A 39 -2.42 -1.90 -4.83
N VAL A 40 -3.22 -2.49 -3.98
CA VAL A 40 -4.69 -2.51 -4.22
C VAL A 40 -5.38 -1.51 -3.28
N TYR A 41 -6.55 -1.06 -3.64
CA TYR A 41 -7.27 -0.09 -2.77
C TYR A 41 -8.76 -0.43 -2.77
N SER A 42 -9.49 0.08 -1.80
CA SER A 42 -10.95 -0.22 -1.75
C SER A 42 -11.65 0.81 -0.86
CD CD B . 0.43 0.93 1.47
CD CD C . -0.16 -0.77 -1.68
N GLN A 10 -8.72 3.15 5.08
CA GLN A 10 -7.46 3.47 5.80
C GLN A 10 -6.35 2.54 5.35
N ALA A 11 -5.18 3.05 5.11
CA ALA A 11 -4.05 2.18 4.66
C ALA A 11 -4.42 1.52 3.34
N CYS A 12 -3.44 1.17 2.54
CA CYS A 12 -3.73 0.53 1.24
C CYS A 12 -3.91 -1.00 1.46
N ASP A 13 -4.45 -1.69 0.50
CA ASP A 13 -4.68 -3.15 0.67
C ASP A 13 -3.43 -3.84 1.23
N ALA A 14 -2.28 -3.41 0.83
CA ALA A 14 -1.04 -4.04 1.35
C ALA A 14 -0.86 -3.70 2.83
N CYS A 15 -0.89 -2.43 3.15
CA CYS A 15 -0.73 -2.01 4.56
C CYS A 15 -1.97 -2.41 5.36
N ARG A 16 -2.97 -2.94 4.71
CA ARG A 16 -4.20 -3.35 5.43
C ARG A 16 -4.04 -4.81 5.88
N LYS A 17 -3.31 -5.58 5.12
CA LYS A 17 -3.10 -7.01 5.49
C LYS A 17 -1.94 -7.11 6.49
N LYS A 18 -1.03 -6.18 6.44
CA LYS A 18 0.13 -6.24 7.39
C LYS A 18 0.03 -5.05 8.37
N LYS A 19 -0.74 -4.06 8.04
CA LYS A 19 -0.88 -2.89 8.96
C LYS A 19 0.42 -2.07 8.93
N TRP A 20 0.79 -1.58 7.78
CA TRP A 20 2.04 -0.76 7.71
C TRP A 20 1.68 0.70 7.45
N LYS A 21 0.54 1.11 7.91
CA LYS A 21 0.08 2.52 7.72
C LYS A 21 0.54 3.06 6.36
N CYS A 22 -0.32 3.02 5.38
CA CYS A 22 0.07 3.54 4.03
C CYS A 22 -0.04 5.07 4.03
N SER A 23 0.54 5.73 3.06
CA SER A 23 0.48 7.22 3.02
C SER A 23 -0.61 7.66 2.04
N LYS A 24 -1.09 6.74 1.25
CA LYS A 24 -2.17 7.06 0.27
C LYS A 24 -1.57 7.72 -0.97
N THR A 25 -0.91 6.94 -1.78
CA THR A 25 -0.31 7.48 -3.02
C THR A 25 -0.53 6.49 -4.17
N VAL A 26 -0.54 6.97 -5.39
CA VAL A 26 -0.75 6.05 -6.54
C VAL A 26 0.43 6.15 -7.52
N PRO A 27 0.56 5.17 -8.37
CA PRO A 27 -0.34 3.99 -8.40
C PRO A 27 -0.09 3.09 -7.20
N THR A 28 1.15 2.82 -6.89
CA THR A 28 1.47 1.93 -5.74
C THR A 28 2.05 2.75 -4.58
N CYS A 29 1.63 2.48 -3.39
CA CYS A 29 2.17 3.24 -2.21
C CYS A 29 3.67 2.96 -2.10
N THR A 30 4.40 3.85 -1.49
CA THR A 30 5.88 3.64 -1.35
C THR A 30 6.17 2.24 -0.81
N ASN A 31 5.30 1.70 0.00
CA ASN A 31 5.54 0.35 0.56
C ASN A 31 5.45 -0.72 -0.55
N CYS A 32 4.53 -0.54 -1.47
CA CYS A 32 4.39 -1.54 -2.57
C CYS A 32 5.56 -1.38 -3.54
N LEU A 33 6.00 -0.17 -3.75
CA LEU A 33 7.15 0.04 -4.66
C LEU A 33 8.39 -0.58 -4.03
N LYS A 34 8.32 -0.87 -2.75
CA LYS A 34 9.49 -1.49 -2.07
C LYS A 34 9.48 -2.99 -2.32
N TYR A 35 8.41 -3.65 -1.96
CA TYR A 35 8.34 -5.13 -2.18
C TYR A 35 7.83 -5.39 -3.60
N ASN A 36 7.65 -4.36 -4.38
CA ASN A 36 7.16 -4.54 -5.78
C ASN A 36 5.99 -5.54 -5.79
N LEU A 37 4.81 -5.07 -5.48
CA LEU A 37 3.63 -5.99 -5.49
C LEU A 37 2.42 -5.24 -6.04
N ASP A 38 1.26 -5.85 -6.02
CA ASP A 38 0.05 -5.18 -6.55
C ASP A 38 -0.56 -4.29 -5.46
N CYS A 39 -0.68 -3.02 -5.71
CA CYS A 39 -1.25 -2.10 -4.70
C CYS A 39 -2.71 -1.80 -5.05
N VAL A 40 -3.63 -2.22 -4.22
CA VAL A 40 -5.07 -1.97 -4.52
C VAL A 40 -5.65 -1.06 -3.43
N TYR A 41 -6.78 -0.46 -3.68
CA TYR A 41 -7.40 0.43 -2.67
C TYR A 41 -8.91 0.19 -2.63
N SER A 42 -9.58 0.73 -1.63
CA SER A 42 -11.05 0.53 -1.55
C SER A 42 -11.69 0.80 -2.90
CD CD B . 0.41 1.12 1.47
CD CD C . 0.11 -0.46 -1.77
N GLN A 10 -7.02 2.93 7.87
CA GLN A 10 -6.98 3.83 6.69
C GLN A 10 -5.66 3.60 5.93
N ALA A 11 -5.47 2.42 5.40
CA ALA A 11 -4.22 2.13 4.64
C ALA A 11 -4.57 1.51 3.30
N CYS A 12 -3.59 1.29 2.46
CA CYS A 12 -3.85 0.70 1.14
C CYS A 12 -4.00 -0.83 1.27
N ASP A 13 -4.39 -1.50 0.22
CA ASP A 13 -4.59 -2.98 0.31
C ASP A 13 -3.34 -3.67 0.87
N ALA A 14 -2.19 -3.19 0.53
CA ALA A 14 -0.93 -3.82 1.05
C ALA A 14 -0.83 -3.55 2.56
N CYS A 15 -0.88 -2.30 2.94
CA CYS A 15 -0.78 -1.97 4.38
C CYS A 15 -2.05 -2.41 5.10
N ARG A 16 -3.02 -2.89 4.37
CA ARG A 16 -4.28 -3.35 5.03
C ARG A 16 -4.14 -4.81 5.43
N LYS A 17 -3.40 -5.56 4.67
CA LYS A 17 -3.22 -7.01 5.00
C LYS A 17 -2.08 -7.15 6.02
N LYS A 18 -1.12 -6.26 5.97
CA LYS A 18 0.01 -6.34 6.93
C LYS A 18 -0.13 -5.24 7.98
N LYS A 19 -0.93 -4.24 7.71
CA LYS A 19 -1.11 -3.14 8.70
C LYS A 19 0.18 -2.34 8.83
N TRP A 20 0.72 -1.85 7.74
CA TRP A 20 1.98 -1.06 7.83
C TRP A 20 1.68 0.41 7.58
N LYS A 21 0.45 0.78 7.72
CA LYS A 21 0.05 2.21 7.49
C LYS A 21 0.46 2.66 6.08
N CYS A 22 -0.41 3.32 5.38
CA CYS A 22 -0.07 3.78 4.01
C CYS A 22 -0.19 5.31 3.94
N SER A 23 0.40 5.91 2.93
CA SER A 23 0.33 7.39 2.80
C SER A 23 -0.83 7.75 1.87
N LYS A 24 -1.36 6.79 1.17
CA LYS A 24 -2.51 7.07 0.27
C LYS A 24 -1.99 7.75 -1.00
N THR A 25 -1.17 7.07 -1.75
CA THR A 25 -0.64 7.66 -3.01
C THR A 25 -0.67 6.61 -4.12
N VAL A 26 -0.72 7.03 -5.36
CA VAL A 26 -0.76 6.06 -6.48
C VAL A 26 0.45 6.30 -7.39
N PRO A 27 0.68 5.37 -8.29
CA PRO A 27 -0.16 4.16 -8.44
C PRO A 27 0.06 3.20 -7.25
N THR A 28 1.29 2.93 -6.93
CA THR A 28 1.58 2.00 -5.81
C THR A 28 2.15 2.78 -4.62
N CYS A 29 1.53 2.64 -3.47
CA CYS A 29 2.04 3.35 -2.26
C CYS A 29 3.54 3.08 -2.11
N THR A 30 4.24 3.93 -1.43
CA THR A 30 5.71 3.73 -1.26
C THR A 30 6.02 2.34 -0.69
N ASN A 31 5.12 1.77 0.08
CA ASN A 31 5.41 0.43 0.67
C ASN A 31 5.30 -0.67 -0.42
N CYS A 32 4.49 -0.45 -1.41
CA CYS A 32 4.33 -1.47 -2.48
C CYS A 32 5.47 -1.35 -3.48
N LEU A 33 5.86 -0.15 -3.81
CA LEU A 33 6.99 0.01 -4.77
C LEU A 33 8.28 -0.46 -4.10
N LYS A 34 8.28 -0.52 -2.80
CA LYS A 34 9.50 -0.99 -2.09
C LYS A 34 9.54 -2.51 -2.13
N TYR A 35 8.54 -3.15 -1.61
CA TYR A 35 8.50 -4.63 -1.62
C TYR A 35 7.91 -5.12 -2.95
N ASN A 36 7.69 -4.22 -3.87
CA ASN A 36 7.12 -4.63 -5.18
C ASN A 36 5.91 -5.55 -4.96
N LEU A 37 4.82 -4.99 -4.51
CA LEU A 37 3.61 -5.82 -4.25
C LEU A 37 2.42 -5.22 -4.99
N ASP A 38 1.31 -5.92 -5.03
CA ASP A 38 0.11 -5.39 -5.73
C ASP A 38 -0.56 -4.33 -4.85
N CYS A 39 -0.59 -3.11 -5.30
CA CYS A 39 -1.22 -2.03 -4.50
C CYS A 39 -2.65 -1.76 -5.02
N VAL A 40 -3.64 -2.03 -4.23
CA VAL A 40 -5.04 -1.78 -4.68
C VAL A 40 -5.74 -0.87 -3.67
N TYR A 41 -6.84 -0.26 -4.05
CA TYR A 41 -7.55 0.64 -3.10
C TYR A 41 -9.05 0.37 -3.18
N SER A 42 -9.77 0.67 -2.12
CA SER A 42 -11.24 0.43 -2.14
C SER A 42 -11.95 1.75 -2.51
CD CD B . 0.45 1.21 1.43
CD CD C . 0.06 -0.41 -1.82
N GLN A 10 -7.27 2.93 7.68
CA GLN A 10 -7.22 3.77 6.45
C GLN A 10 -5.86 3.57 5.76
N ALA A 11 -5.63 2.42 5.21
CA ALA A 11 -4.33 2.16 4.52
C ALA A 11 -4.59 1.47 3.19
N CYS A 12 -3.56 1.22 2.42
CA CYS A 12 -3.75 0.54 1.11
C CYS A 12 -3.96 -0.96 1.38
N ASP A 13 -4.34 -1.72 0.37
CA ASP A 13 -4.60 -3.17 0.57
C ASP A 13 -3.37 -3.86 1.18
N ALA A 14 -2.20 -3.47 0.78
CA ALA A 14 -0.97 -4.11 1.34
C ALA A 14 -0.83 -3.72 2.81
N CYS A 15 -0.77 -2.45 3.09
CA CYS A 15 -0.62 -2.00 4.50
C CYS A 15 -1.92 -2.29 5.26
N ARG A 16 -2.93 -2.75 4.59
CA ARG A 16 -4.22 -3.05 5.28
C ARG A 16 -4.21 -4.50 5.75
N LYS A 17 -3.62 -5.37 4.99
CA LYS A 17 -3.58 -6.81 5.39
C LYS A 17 -2.41 -7.02 6.36
N LYS A 18 -1.37 -6.25 6.23
CA LYS A 18 -0.20 -6.40 7.15
C LYS A 18 -0.23 -5.27 8.19
N LYS A 19 -1.02 -4.27 7.95
CA LYS A 19 -1.10 -3.14 8.92
C LYS A 19 0.21 -2.34 8.89
N TRP A 20 0.65 -1.94 7.73
CA TRP A 20 1.91 -1.15 7.65
C TRP A 20 1.59 0.32 7.48
N LYS A 21 0.44 0.72 7.98
CA LYS A 21 0.02 2.15 7.89
C LYS A 21 0.49 2.77 6.57
N CYS A 22 -0.36 2.81 5.58
CA CYS A 22 0.03 3.40 4.28
C CYS A 22 -0.20 4.92 4.30
N SER A 23 0.39 5.64 3.39
CA SER A 23 0.19 7.12 3.35
C SER A 23 -0.87 7.46 2.31
N LYS A 24 -1.14 6.54 1.43
CA LYS A 24 -2.18 6.75 0.39
C LYS A 24 -1.58 7.54 -0.79
N THR A 25 -0.83 6.87 -1.61
CA THR A 25 -0.22 7.55 -2.78
C THR A 25 -0.25 6.60 -3.99
N VAL A 26 -0.27 7.13 -5.18
CA VAL A 26 -0.31 6.26 -6.38
C VAL A 26 0.96 6.48 -7.22
N PRO A 27 1.22 5.58 -8.12
CA PRO A 27 0.36 4.39 -8.35
C PRO A 27 0.50 3.40 -7.19
N THR A 28 1.71 3.11 -6.80
CA THR A 28 1.94 2.14 -5.69
C THR A 28 2.45 2.88 -4.46
N CYS A 29 1.76 2.76 -3.36
CA CYS A 29 2.22 3.45 -2.12
C CYS A 29 3.73 3.21 -1.95
N THR A 30 4.40 4.08 -1.25
CA THR A 30 5.88 3.91 -1.07
C THR A 30 6.19 2.49 -0.59
N ASN A 31 5.32 1.91 0.20
CA ASN A 31 5.57 0.53 0.70
C ASN A 31 5.52 -0.48 -0.45
N CYS A 32 4.48 -0.43 -1.24
CA CYS A 32 4.36 -1.38 -2.38
C CYS A 32 5.50 -1.13 -3.37
N LEU A 33 6.02 0.07 -3.40
CA LEU A 33 7.14 0.36 -4.34
C LEU A 33 8.40 -0.37 -3.87
N LYS A 34 8.59 -0.46 -2.59
CA LYS A 34 9.79 -1.17 -2.06
C LYS A 34 9.67 -2.67 -2.36
N TYR A 35 8.58 -3.25 -1.97
CA TYR A 35 8.38 -4.71 -2.23
C TYR A 35 7.80 -4.90 -3.63
N ASN A 36 7.58 -3.82 -4.34
CA ASN A 36 7.02 -3.94 -5.73
C ASN A 36 5.91 -4.98 -5.74
N LEU A 37 4.72 -4.61 -5.33
CA LEU A 37 3.60 -5.60 -5.33
C LEU A 37 2.38 -4.96 -6.00
N ASP A 38 1.25 -5.59 -5.89
CA ASP A 38 0.01 -5.03 -6.51
C ASP A 38 -0.72 -4.16 -5.51
N CYS A 39 -0.45 -2.88 -5.52
CA CYS A 39 -1.14 -1.97 -4.55
C CYS A 39 -2.59 -1.74 -5.01
N VAL A 40 -3.53 -2.21 -4.23
CA VAL A 40 -4.96 -2.02 -4.61
C VAL A 40 -5.64 -1.14 -3.57
N TYR A 41 -6.79 -0.60 -3.89
CA TYR A 41 -7.49 0.28 -2.91
C TYR A 41 -8.97 -0.11 -2.85
N SER A 42 -9.65 0.25 -1.79
CA SER A 42 -11.09 -0.11 -1.67
C SER A 42 -11.24 -1.63 -1.62
CD CD B . 0.50 0.95 1.28
CD CD C . -0.02 -0.76 -1.88
N GLN A 10 -5.85 5.71 7.50
CA GLN A 10 -6.24 4.70 6.47
C GLN A 10 -4.98 4.10 5.85
N ALA A 11 -5.07 2.89 5.35
CA ALA A 11 -3.88 2.25 4.73
C ALA A 11 -4.29 1.57 3.42
N CYS A 12 -3.34 1.20 2.62
CA CYS A 12 -3.66 0.54 1.34
C CYS A 12 -3.91 -0.96 1.58
N ASP A 13 -4.42 -1.68 0.63
CA ASP A 13 -4.70 -3.13 0.85
C ASP A 13 -3.48 -3.84 1.43
N ALA A 14 -2.31 -3.48 1.00
CA ALA A 14 -1.09 -4.14 1.53
C ALA A 14 -0.85 -3.70 2.98
N CYS A 15 -0.84 -2.42 3.21
CA CYS A 15 -0.63 -1.92 4.59
C CYS A 15 -1.86 -2.19 5.45
N ARG A 16 -2.91 -2.71 4.85
CA ARG A 16 -4.14 -3.01 5.64
C ARG A 16 -4.08 -4.43 6.17
N LYS A 17 -3.51 -5.33 5.41
CA LYS A 17 -3.40 -6.74 5.86
C LYS A 17 -2.19 -6.89 6.78
N LYS A 18 -1.19 -6.06 6.57
CA LYS A 18 0.02 -6.14 7.44
C LYS A 18 0.05 -4.94 8.39
N LYS A 19 -0.77 -3.95 8.12
CA LYS A 19 -0.79 -2.76 9.01
C LYS A 19 0.53 -2.00 8.92
N TRP A 20 0.96 -1.69 7.72
CA TRP A 20 2.24 -0.95 7.56
C TRP A 20 1.95 0.53 7.35
N LYS A 21 0.88 1.01 7.91
CA LYS A 21 0.50 2.44 7.78
C LYS A 21 0.85 2.97 6.39
N CYS A 22 -0.12 3.06 5.51
CA CYS A 22 0.16 3.59 4.14
C CYS A 22 -0.14 5.08 4.09
N SER A 23 0.35 5.77 3.09
CA SER A 23 0.10 7.23 2.98
C SER A 23 -0.94 7.46 1.88
N LYS A 24 -1.13 6.49 1.04
CA LYS A 24 -2.12 6.61 -0.06
C LYS A 24 -1.54 7.41 -1.22
N THR A 25 -0.66 6.80 -1.97
CA THR A 25 -0.04 7.49 -3.13
C THR A 25 -0.04 6.53 -4.33
N VAL A 26 -0.61 6.95 -5.42
CA VAL A 26 -0.65 6.07 -6.63
C VAL A 26 0.60 6.31 -7.47
N PRO A 27 0.89 5.37 -8.35
CA PRO A 27 0.08 4.15 -8.53
C PRO A 27 0.24 3.20 -7.33
N THR A 28 1.46 2.96 -6.93
CA THR A 28 1.70 2.04 -5.79
C THR A 28 2.22 2.83 -4.58
N CYS A 29 1.63 2.64 -3.44
CA CYS A 29 2.10 3.37 -2.23
C CYS A 29 3.61 3.17 -2.08
N THR A 30 4.29 4.06 -1.42
CA THR A 30 5.76 3.90 -1.26
C THR A 30 6.10 2.50 -0.74
N ASN A 31 5.21 1.91 0.02
CA ASN A 31 5.49 0.54 0.56
C ASN A 31 5.39 -0.50 -0.55
N CYS A 32 4.46 -0.36 -1.45
CA CYS A 32 4.31 -1.36 -2.54
C CYS A 32 5.41 -1.15 -3.57
N LEU A 33 5.92 0.05 -3.67
CA LEU A 33 7.01 0.33 -4.65
C LEU A 33 8.31 -0.28 -4.12
N LYS A 34 8.43 -0.38 -2.82
CA LYS A 34 9.65 -0.98 -2.23
C LYS A 34 9.61 -2.50 -2.42
N TYR A 35 8.56 -3.12 -1.98
CA TYR A 35 8.44 -4.60 -2.14
C TYR A 35 7.88 -4.92 -3.52
N ASN A 36 7.59 -3.92 -4.31
CA ASN A 36 7.04 -4.18 -5.67
C ASN A 36 5.87 -5.17 -5.57
N LEU A 37 4.75 -4.75 -5.04
CA LEU A 37 3.60 -5.67 -4.92
C LEU A 37 2.37 -5.02 -5.55
N ASP A 38 1.33 -5.79 -5.80
CA ASP A 38 0.11 -5.20 -6.41
C ASP A 38 -0.57 -4.28 -5.40
N CYS A 39 -0.45 -2.99 -5.59
CA CYS A 39 -1.09 -2.03 -4.65
C CYS A 39 -2.54 -1.79 -5.07
N VAL A 40 -3.49 -2.20 -4.26
CA VAL A 40 -4.92 -1.98 -4.60
C VAL A 40 -5.60 -1.23 -3.46
N TYR A 41 -6.75 -0.66 -3.71
CA TYR A 41 -7.46 0.09 -2.64
C TYR A 41 -8.94 -0.31 -2.63
N SER A 42 -9.62 -0.04 -1.56
CA SER A 42 -11.07 -0.40 -1.48
C SER A 42 -11.91 0.88 -1.44
CD CD B . 0.50 0.95 1.30
CD CD C . -0.06 -0.77 -1.85
N GLN A 10 -6.33 5.93 6.32
CA GLN A 10 -6.33 4.54 6.84
C GLN A 10 -5.10 3.80 6.31
N ALA A 11 -5.22 3.15 5.18
CA ALA A 11 -4.05 2.42 4.62
C ALA A 11 -4.44 1.77 3.29
N CYS A 12 -3.48 1.53 2.44
CA CYS A 12 -3.79 0.91 1.13
C CYS A 12 -4.05 -0.60 1.32
N ASP A 13 -4.32 -1.32 0.27
CA ASP A 13 -4.62 -2.77 0.43
C ASP A 13 -3.42 -3.51 1.03
N ALA A 14 -2.23 -3.13 0.64
CA ALA A 14 -1.02 -3.80 1.20
C ALA A 14 -0.88 -3.44 2.68
N CYS A 15 -0.77 -2.17 2.97
CA CYS A 15 -0.63 -1.74 4.38
C CYS A 15 -1.93 -2.03 5.13
N ARG A 16 -2.96 -2.42 4.43
CA ARG A 16 -4.25 -2.73 5.12
C ARG A 16 -4.21 -4.14 5.67
N LYS A 17 -3.65 -5.06 4.94
CA LYS A 17 -3.57 -6.47 5.42
C LYS A 17 -2.36 -6.61 6.36
N LYS A 18 -1.33 -5.85 6.12
CA LYS A 18 -0.12 -5.94 6.98
C LYS A 18 -0.15 -4.79 8.00
N LYS A 19 -1.02 -3.83 7.81
CA LYS A 19 -1.10 -2.70 8.76
C LYS A 19 0.23 -1.94 8.78
N TRP A 20 0.76 -1.61 7.63
CA TRP A 20 2.06 -0.87 7.60
C TRP A 20 1.79 0.61 7.37
N LYS A 21 0.69 1.09 7.86
CA LYS A 21 0.34 2.53 7.71
C LYS A 21 0.78 3.06 6.33
N CYS A 22 -0.13 3.12 5.39
CA CYS A 22 0.24 3.65 4.05
C CYS A 22 0.11 5.17 4.03
N SER A 23 0.68 5.82 3.06
CA SER A 23 0.60 7.30 3.00
C SER A 23 -0.47 7.70 1.98
N LYS A 24 -0.89 6.77 1.18
CA LYS A 24 -1.94 7.06 0.17
C LYS A 24 -1.32 7.75 -1.05
N THR A 25 -0.48 7.04 -1.75
CA THR A 25 0.17 7.63 -2.96
C THR A 25 0.02 6.67 -4.13
N VAL A 26 -0.04 7.19 -5.32
CA VAL A 26 -0.19 6.30 -6.51
C VAL A 26 1.03 6.42 -7.42
N PRO A 27 1.17 5.50 -8.34
CA PRO A 27 0.21 4.39 -8.52
C PRO A 27 0.31 3.39 -7.36
N THR A 28 1.49 2.97 -7.04
CA THR A 28 1.68 2.00 -5.92
C THR A 28 2.29 2.72 -4.72
N CYS A 29 1.63 2.68 -3.59
CA CYS A 29 2.18 3.36 -2.39
C CYS A 29 3.68 3.02 -2.27
N THR A 30 4.43 3.84 -1.61
CA THR A 30 5.89 3.57 -1.47
C THR A 30 6.13 2.17 -0.92
N ASN A 31 5.24 1.67 -0.11
CA ASN A 31 5.45 0.30 0.46
C ASN A 31 5.23 -0.77 -0.61
N CYS A 32 4.39 -0.51 -1.57
CA CYS A 32 4.13 -1.53 -2.62
C CYS A 32 5.24 -1.49 -3.68
N LEU A 33 5.71 -0.32 -4.03
CA LEU A 33 6.79 -0.24 -5.04
C LEU A 33 8.06 -0.82 -4.44
N LYS A 34 8.15 -0.85 -3.14
CA LYS A 34 9.35 -1.43 -2.48
C LYS A 34 9.25 -2.95 -2.50
N TYR A 35 8.23 -3.49 -1.91
CA TYR A 35 8.06 -4.96 -1.90
C TYR A 35 7.33 -5.40 -3.18
N ASN A 36 7.15 -4.49 -4.10
CA ASN A 36 6.45 -4.86 -5.37
C ASN A 36 5.20 -5.67 -5.03
N LEU A 37 4.13 -5.03 -4.65
CA LEU A 37 2.89 -5.77 -4.31
C LEU A 37 1.70 -5.13 -5.04
N ASP A 38 0.61 -5.85 -5.15
CA ASP A 38 -0.58 -5.28 -5.85
C ASP A 38 -1.20 -4.17 -4.99
N CYS A 39 -0.82 -2.94 -5.24
CA CYS A 39 -1.38 -1.81 -4.44
C CYS A 39 -2.80 -1.51 -4.93
N VAL A 40 -3.79 -1.79 -4.12
CA VAL A 40 -5.20 -1.51 -4.54
C VAL A 40 -5.85 -0.60 -3.50
N TYR A 41 -6.96 0.00 -3.84
CA TYR A 41 -7.65 0.89 -2.87
C TYR A 41 -9.14 0.54 -2.82
N SER A 42 -9.81 0.91 -1.76
CA SER A 42 -11.27 0.59 -1.65
C SER A 42 -11.97 1.73 -0.91
CD CD B . 0.59 1.10 1.26
CD CD C . -0.12 -0.46 -1.96
N GLN A 10 -7.73 4.60 4.77
CA GLN A 10 -7.16 3.93 5.96
C GLN A 10 -6.12 2.90 5.52
N ALA A 11 -4.93 3.33 5.19
CA ALA A 11 -3.88 2.37 4.76
C ALA A 11 -4.29 1.72 3.44
N CYS A 12 -3.36 1.49 2.57
CA CYS A 12 -3.69 0.85 1.27
C CYS A 12 -3.95 -0.65 1.49
N ASP A 13 -4.47 -1.33 0.51
CA ASP A 13 -4.78 -2.79 0.70
C ASP A 13 -3.55 -3.53 1.22
N ALA A 14 -2.39 -3.18 0.78
CA ALA A 14 -1.16 -3.87 1.28
C ALA A 14 -0.94 -3.52 2.75
N CYS A 15 -0.86 -2.25 3.05
CA CYS A 15 -0.65 -1.83 4.46
C CYS A 15 -1.90 -2.12 5.29
N ARG A 16 -2.95 -2.59 4.66
CA ARG A 16 -4.19 -2.90 5.42
C ARG A 16 -4.15 -4.36 5.87
N LYS A 17 -3.56 -5.21 5.07
CA LYS A 17 -3.47 -6.65 5.46
C LYS A 17 -2.31 -6.85 6.43
N LYS A 18 -1.29 -6.04 6.32
CA LYS A 18 -0.12 -6.18 7.24
C LYS A 18 -0.10 -5.00 8.22
N LYS A 19 -0.89 -3.98 7.95
CA LYS A 19 -0.92 -2.81 8.87
C LYS A 19 0.42 -2.07 8.80
N TRP A 20 0.82 -1.66 7.63
CA TRP A 20 2.12 -0.94 7.51
C TRP A 20 1.85 0.56 7.33
N LYS A 21 0.76 1.03 7.86
CA LYS A 21 0.39 2.46 7.76
C LYS A 21 0.83 3.04 6.41
N CYS A 22 -0.06 3.11 5.46
CA CYS A 22 0.31 3.66 4.13
C CYS A 22 0.18 5.19 4.15
N SER A 23 0.76 5.86 3.18
CA SER A 23 0.66 7.35 3.15
C SER A 23 -0.45 7.76 2.19
N LYS A 24 -0.91 6.84 1.39
CA LYS A 24 -2.00 7.14 0.44
C LYS A 24 -1.44 7.83 -0.81
N THR A 25 -0.76 7.09 -1.63
CA THR A 25 -0.18 7.67 -2.88
C THR A 25 -0.35 6.68 -4.02
N VAL A 26 -0.45 7.15 -5.23
CA VAL A 26 -0.62 6.22 -6.38
C VAL A 26 0.53 6.42 -7.37
N PRO A 27 0.67 5.48 -8.28
CA PRO A 27 -0.20 4.29 -8.36
C PRO A 27 0.07 3.34 -7.19
N THR A 28 1.32 3.05 -6.94
CA THR A 28 1.66 2.12 -5.82
C THR A 28 2.25 2.91 -4.65
N CYS A 29 1.73 2.71 -3.48
CA CYS A 29 2.27 3.43 -2.29
C CYS A 29 3.77 3.16 -2.18
N THR A 30 4.50 4.02 -1.55
CA THR A 30 5.97 3.81 -1.42
C THR A 30 6.24 2.41 -0.85
N ASN A 31 5.32 1.87 -0.09
CA ASN A 31 5.55 0.52 0.50
C ASN A 31 5.42 -0.56 -0.58
N CYS A 32 4.44 -0.45 -1.43
CA CYS A 32 4.26 -1.47 -2.50
C CYS A 32 5.40 -1.34 -3.51
N LEU A 33 5.91 -0.16 -3.70
CA LEU A 33 7.02 0.03 -4.66
C LEU A 33 8.28 -0.60 -4.07
N LYS A 34 8.37 -0.66 -2.77
CA LYS A 34 9.56 -1.28 -2.13
C LYS A 34 9.52 -2.79 -2.37
N TYR A 35 8.46 -3.42 -1.97
CA TYR A 35 8.34 -4.89 -2.18
C TYR A 35 7.81 -5.18 -3.59
N ASN A 36 7.56 -4.15 -4.36
CA ASN A 36 7.04 -4.37 -5.74
C ASN A 36 5.88 -5.36 -5.70
N LEU A 37 4.69 -4.89 -5.41
CA LEU A 37 3.52 -5.80 -5.36
C LEU A 37 2.31 -5.13 -6.00
N ASP A 38 1.14 -5.65 -5.78
CA ASP A 38 -0.07 -5.03 -6.39
C ASP A 38 -0.72 -4.09 -5.38
N CYS A 39 -0.58 -2.81 -5.57
CA CYS A 39 -1.18 -1.83 -4.62
C CYS A 39 -2.64 -1.55 -5.02
N VAL A 40 -3.57 -1.93 -4.20
CA VAL A 40 -5.00 -1.68 -4.53
C VAL A 40 -5.62 -0.75 -3.48
N TYR A 41 -6.74 -0.15 -3.80
CA TYR A 41 -7.38 0.77 -2.82
C TYR A 41 -8.88 0.48 -2.75
N SER A 42 -9.57 1.06 -1.81
CA SER A 42 -11.04 0.81 -1.70
C SER A 42 -11.29 -0.69 -1.63
CD CD B . 0.52 1.15 1.27
CD CD C . -0.05 -0.60 -1.87
N GLN A 10 -7.08 5.46 4.19
CA GLN A 10 -6.15 5.45 5.36
C GLN A 10 -5.01 4.46 5.10
N ALA A 11 -5.33 3.22 4.87
CA ALA A 11 -4.27 2.20 4.62
C ALA A 11 -4.56 1.48 3.29
N CYS A 12 -3.55 1.26 2.50
CA CYS A 12 -3.76 0.57 1.20
C CYS A 12 -3.97 -0.94 1.46
N ASP A 13 -4.39 -1.67 0.46
CA ASP A 13 -4.64 -3.14 0.67
C ASP A 13 -3.42 -3.83 1.26
N ALA A 14 -2.24 -3.44 0.85
CA ALA A 14 -1.01 -4.08 1.41
C ALA A 14 -0.85 -3.69 2.87
N CYS A 15 -0.82 -2.42 3.15
CA CYS A 15 -0.67 -1.95 4.55
C CYS A 15 -1.95 -2.25 5.33
N ARG A 16 -2.97 -2.74 4.67
CA ARG A 16 -4.23 -3.05 5.38
C ARG A 16 -4.20 -4.49 5.88
N LYS A 17 -3.54 -5.35 5.16
CA LYS A 17 -3.44 -6.78 5.59
C LYS A 17 -2.32 -6.92 6.62
N LYS A 18 -1.29 -6.14 6.49
CA LYS A 18 -0.16 -6.22 7.45
C LYS A 18 -0.25 -5.04 8.43
N LYS A 19 -0.96 -4.01 8.06
CA LYS A 19 -1.08 -2.84 8.97
C LYS A 19 0.22 -2.04 8.96
N TRP A 20 0.76 -1.77 7.80
CA TRP A 20 2.03 -0.99 7.74
C TRP A 20 1.71 0.48 7.51
N LYS A 21 0.58 0.92 8.01
CA LYS A 21 0.17 2.35 7.86
C LYS A 21 0.63 2.90 6.50
N CYS A 22 -0.24 2.89 5.53
CA CYS A 22 0.15 3.41 4.19
C CYS A 22 0.04 4.94 4.18
N SER A 23 0.62 5.59 3.21
CA SER A 23 0.56 7.07 3.14
C SER A 23 -0.58 7.47 2.21
N LYS A 24 -1.05 6.55 1.42
CA LYS A 24 -2.17 6.83 0.49
C LYS A 24 -1.65 7.59 -0.72
N THR A 25 -0.69 7.03 -1.40
CA THR A 25 -0.13 7.69 -2.60
C THR A 25 -0.31 6.76 -3.81
N VAL A 26 -0.43 7.30 -4.99
CA VAL A 26 -0.61 6.44 -6.19
C VAL A 26 0.58 6.62 -7.14
N PRO A 27 0.70 5.72 -8.08
CA PRO A 27 -0.21 4.57 -8.23
C PRO A 27 0.01 3.56 -7.10
N THR A 28 1.24 3.22 -6.84
CA THR A 28 1.54 2.23 -5.76
C THR A 28 2.15 2.95 -4.55
N CYS A 29 1.63 2.70 -3.38
CA CYS A 29 2.18 3.36 -2.17
C CYS A 29 3.69 3.06 -2.08
N THR A 30 4.44 3.89 -1.42
CA THR A 30 5.90 3.65 -1.31
C THR A 30 6.17 2.23 -0.82
N ASN A 31 5.27 1.65 -0.08
CA ASN A 31 5.51 0.26 0.43
C ASN A 31 5.38 -0.75 -0.72
N CYS A 32 4.41 -0.59 -1.56
CA CYS A 32 4.25 -1.55 -2.69
C CYS A 32 5.38 -1.33 -3.69
N LEU A 33 5.86 -0.12 -3.80
CA LEU A 33 6.98 0.14 -4.74
C LEU A 33 8.26 -0.40 -4.13
N LYS A 34 8.26 -0.67 -2.85
CA LYS A 34 9.48 -1.22 -2.19
C LYS A 34 9.58 -2.71 -2.47
N TYR A 35 8.55 -3.45 -2.16
CA TYR A 35 8.59 -4.92 -2.41
C TYR A 35 8.19 -5.21 -3.86
N ASN A 36 7.80 -4.20 -4.59
CA ASN A 36 7.41 -4.40 -6.01
C ASN A 36 6.23 -5.37 -6.10
N LEU A 37 5.05 -4.92 -5.76
CA LEU A 37 3.87 -5.82 -5.83
C LEU A 37 2.70 -5.06 -6.48
N ASP A 38 1.51 -5.58 -6.34
CA ASP A 38 0.34 -4.88 -6.95
C ASP A 38 -0.40 -4.08 -5.87
N CYS A 39 -0.23 -2.78 -5.87
CA CYS A 39 -0.91 -1.95 -4.84
C CYS A 39 -2.39 -1.80 -5.20
N VAL A 40 -3.26 -2.37 -4.42
CA VAL A 40 -4.72 -2.25 -4.72
C VAL A 40 -5.41 -1.52 -3.58
N TYR A 41 -6.62 -1.08 -3.79
CA TYR A 41 -7.34 -0.35 -2.71
C TYR A 41 -8.77 -0.89 -2.60
N SER A 42 -9.41 -0.67 -1.48
CA SER A 42 -10.80 -1.18 -1.31
C SER A 42 -10.80 -2.71 -1.43
CD CD B . 0.52 0.96 1.33
CD CD C . -0.04 -0.75 -1.82
N GLN A 10 -6.31 4.37 8.26
CA GLN A 10 -6.55 3.71 6.94
C GLN A 10 -5.23 3.18 6.39
N ALA A 11 -5.26 2.54 5.24
CA ALA A 11 -4.01 1.99 4.65
C ALA A 11 -4.33 1.29 3.34
N CYS A 12 -3.38 1.23 2.45
CA CYS A 12 -3.63 0.57 1.14
C CYS A 12 -3.80 -0.94 1.37
N ASP A 13 -4.16 -1.68 0.35
CA ASP A 13 -4.37 -3.15 0.54
C ASP A 13 -3.14 -3.81 1.14
N ALA A 14 -1.97 -3.38 0.76
CA ALA A 14 -0.73 -4.00 1.32
C ALA A 14 -0.60 -3.60 2.79
N CYS A 15 -0.60 -2.33 3.06
CA CYS A 15 -0.47 -1.86 4.47
C CYS A 15 -1.75 -2.21 5.24
N ARG A 16 -2.74 -2.72 4.57
CA ARG A 16 -4.00 -3.09 5.27
C ARG A 16 -3.90 -4.53 5.78
N LYS A 17 -3.18 -5.37 5.07
CA LYS A 17 -3.03 -6.78 5.53
C LYS A 17 -1.90 -6.87 6.54
N LYS A 18 -0.93 -6.00 6.44
CA LYS A 18 0.21 -6.03 7.40
C LYS A 18 0.08 -4.85 8.37
N LYS A 19 -0.80 -3.93 8.09
CA LYS A 19 -0.97 -2.77 9.00
C LYS A 19 0.31 -1.93 9.01
N TRP A 20 0.83 -1.59 7.87
CA TRP A 20 2.08 -0.78 7.82
C TRP A 20 1.72 0.68 7.54
N LYS A 21 0.56 1.08 7.98
CA LYS A 21 0.10 2.50 7.79
C LYS A 21 0.60 3.05 6.45
N CYS A 22 -0.23 3.01 5.43
CA CYS A 22 0.20 3.54 4.11
C CYS A 22 0.04 5.07 4.09
N SER A 23 0.67 5.73 3.17
CA SER A 23 0.56 7.21 3.09
C SER A 23 -0.62 7.58 2.18
N LYS A 24 -1.06 6.62 1.40
CA LYS A 24 -2.21 6.87 0.49
C LYS A 24 -1.72 7.63 -0.75
N THR A 25 -0.83 7.03 -1.49
CA THR A 25 -0.32 7.70 -2.72
C THR A 25 -0.41 6.73 -3.89
N VAL A 26 -0.48 7.23 -5.09
CA VAL A 26 -0.58 6.33 -6.29
C VAL A 26 0.59 6.60 -7.23
N PRO A 27 0.78 5.72 -8.18
CA PRO A 27 -0.07 4.52 -8.36
C PRO A 27 0.19 3.52 -7.23
N THR A 28 1.43 3.21 -6.97
CA THR A 28 1.77 2.22 -5.91
C THR A 28 2.34 2.94 -4.69
N CYS A 29 1.77 2.72 -3.54
CA CYS A 29 2.30 3.39 -2.31
C CYS A 29 3.80 3.08 -2.19
N THR A 30 4.53 3.90 -1.50
CA THR A 30 5.99 3.66 -1.35
C THR A 30 6.26 2.25 -0.83
N ASN A 31 5.37 1.70 -0.02
CA ASN A 31 5.61 0.33 0.52
C ASN A 31 5.41 -0.73 -0.58
N CYS A 32 4.57 -0.47 -1.55
CA CYS A 32 4.34 -1.47 -2.62
C CYS A 32 5.47 -1.38 -3.65
N LEU A 33 5.92 -0.20 -3.97
CA LEU A 33 7.03 -0.09 -4.95
C LEU A 33 8.30 -0.64 -4.31
N LYS A 34 8.31 -0.74 -3.01
CA LYS A 34 9.51 -1.28 -2.31
C LYS A 34 9.50 -2.80 -2.41
N TYR A 35 8.49 -3.42 -1.88
CA TYR A 35 8.41 -4.91 -1.93
C TYR A 35 7.78 -5.34 -3.26
N ASN A 36 7.52 -4.41 -4.14
CA ASN A 36 6.91 -4.77 -5.45
C ASN A 36 5.64 -5.60 -5.20
N LEU A 37 4.69 -5.05 -4.50
CA LEU A 37 3.43 -5.80 -4.23
C LEU A 37 2.28 -5.19 -5.03
N ASP A 38 1.15 -5.84 -5.07
CA ASP A 38 0.00 -5.29 -5.83
C ASP A 38 -0.70 -4.22 -4.99
N CYS A 39 -0.43 -2.97 -5.25
CA CYS A 39 -1.07 -1.89 -4.46
C CYS A 39 -2.51 -1.68 -4.95
N VAL A 40 -3.47 -1.99 -4.13
CA VAL A 40 -4.90 -1.82 -4.55
C VAL A 40 -5.64 -0.98 -3.51
N TYR A 41 -6.76 -0.42 -3.87
CA TYR A 41 -7.52 0.40 -2.87
C TYR A 41 -8.98 -0.05 -2.86
N SER A 42 -9.67 0.18 -1.78
CA SER A 42 -11.10 -0.24 -1.70
C SER A 42 -11.80 0.57 -0.62
CD CD B . 0.68 1.05 1.23
CD CD C . 0.04 -0.57 -1.95
N GLN A 10 -7.04 4.87 5.97
CA GLN A 10 -6.25 4.14 6.99
C GLN A 10 -5.00 3.55 6.34
N ALA A 11 -5.17 2.66 5.41
CA ALA A 11 -3.99 2.05 4.73
C ALA A 11 -4.42 1.39 3.42
N CYS A 12 -3.50 1.20 2.52
CA CYS A 12 -3.84 0.58 1.21
C CYS A 12 -4.01 -0.94 1.40
N ASP A 13 -4.30 -1.66 0.34
CA ASP A 13 -4.51 -3.14 0.49
C ASP A 13 -3.25 -3.80 1.06
N ALA A 14 -2.10 -3.35 0.68
CA ALA A 14 -0.84 -3.95 1.21
C ALA A 14 -0.70 -3.59 2.68
N CYS A 15 -0.71 -2.33 2.99
CA CYS A 15 -0.57 -1.90 4.41
C CYS A 15 -1.79 -2.35 5.20
N ARG A 16 -2.81 -2.81 4.53
CA ARG A 16 -4.02 -3.28 5.26
C ARG A 16 -3.88 -4.77 5.59
N LYS A 17 -3.08 -5.47 4.84
CA LYS A 17 -2.89 -6.92 5.10
C LYS A 17 -1.82 -7.11 6.18
N LYS A 18 -0.84 -6.24 6.19
CA LYS A 18 0.23 -6.35 7.23
C LYS A 18 0.08 -5.21 8.24
N LYS A 19 -0.63 -4.18 7.88
CA LYS A 19 -0.82 -3.04 8.82
C LYS A 19 0.45 -2.19 8.86
N TRP A 20 0.81 -1.58 7.76
CA TRP A 20 2.04 -0.75 7.75
C TRP A 20 1.66 0.71 7.47
N LYS A 21 0.51 1.10 7.92
CA LYS A 21 0.04 2.51 7.74
C LYS A 21 0.50 3.06 6.38
N CYS A 22 -0.37 3.08 5.41
CA CYS A 22 0.00 3.60 4.07
C CYS A 22 -0.18 5.13 4.06
N SER A 23 0.38 5.81 3.09
CA SER A 23 0.24 7.28 3.02
C SER A 23 -0.81 7.63 1.96
N LYS A 24 -1.18 6.67 1.17
CA LYS A 24 -2.22 6.91 0.13
C LYS A 24 -1.58 7.60 -1.07
N THR A 25 -0.64 6.95 -1.70
CA THR A 25 0.03 7.56 -2.89
C THR A 25 -0.12 6.62 -4.09
N VAL A 26 -0.25 7.16 -5.26
CA VAL A 26 -0.41 6.29 -6.47
C VAL A 26 0.82 6.45 -7.37
N PRO A 27 0.99 5.52 -8.28
CA PRO A 27 0.07 4.37 -8.43
C PRO A 27 0.25 3.37 -7.27
N THR A 28 1.48 3.05 -6.96
CA THR A 28 1.73 2.09 -5.85
C THR A 28 2.28 2.82 -4.63
N CYS A 29 1.65 2.67 -3.50
CA CYS A 29 2.14 3.35 -2.27
C CYS A 29 3.62 3.04 -2.08
N THR A 30 4.34 3.87 -1.38
CA THR A 30 5.79 3.62 -1.17
C THR A 30 6.02 2.22 -0.59
N ASN A 31 5.06 1.67 0.12
CA ASN A 31 5.27 0.31 0.70
C ASN A 31 5.18 -0.76 -0.40
N CYS A 32 4.38 -0.54 -1.41
CA CYS A 32 4.25 -1.55 -2.49
C CYS A 32 5.42 -1.39 -3.46
N LEU A 33 5.92 -0.20 -3.62
CA LEU A 33 7.07 0.01 -4.53
C LEU A 33 8.32 -0.58 -3.89
N LYS A 34 8.32 -0.68 -2.59
CA LYS A 34 9.51 -1.26 -1.89
C LYS A 34 9.45 -2.78 -2.00
N TYR A 35 8.38 -3.37 -1.53
CA TYR A 35 8.26 -4.85 -1.61
C TYR A 35 7.68 -5.24 -2.97
N ASN A 36 7.44 -4.28 -3.83
CA ASN A 36 6.88 -4.61 -5.16
C ASN A 36 5.66 -5.51 -5.01
N LEU A 37 4.65 -5.05 -4.32
CA LEU A 37 3.43 -5.89 -4.14
C LEU A 37 2.27 -5.30 -4.94
N ASP A 38 1.12 -5.93 -4.92
CA ASP A 38 -0.03 -5.40 -5.68
C ASP A 38 -0.73 -4.31 -4.87
N CYS A 39 -0.47 -3.07 -5.16
CA CYS A 39 -1.12 -1.97 -4.40
C CYS A 39 -2.54 -1.75 -4.92
N VAL A 40 -3.52 -2.00 -4.10
CA VAL A 40 -4.93 -1.80 -4.53
C VAL A 40 -5.64 -0.87 -3.55
N TYR A 41 -6.75 -0.30 -3.95
CA TYR A 41 -7.49 0.61 -3.04
C TYR A 41 -8.97 0.26 -3.04
N SER A 42 -9.68 0.62 -2.02
CA SER A 42 -11.14 0.31 -1.97
C SER A 42 -11.83 0.88 -3.20
CD CD B . 0.41 1.02 1.42
CD CD C . 0.02 -0.54 -1.78
N GLN A 10 -7.39 4.05 5.97
CA GLN A 10 -6.14 4.62 6.54
C GLN A 10 -4.94 3.79 6.08
N ALA A 11 -5.14 2.95 5.09
CA ALA A 11 -4.01 2.11 4.59
C ALA A 11 -4.40 1.51 3.24
N CYS A 12 -3.43 1.21 2.43
CA CYS A 12 -3.72 0.62 1.10
C CYS A 12 -4.00 -0.88 1.26
N ASP A 13 -4.21 -1.59 0.18
CA ASP A 13 -4.52 -3.04 0.30
C ASP A 13 -3.39 -3.80 0.99
N ALA A 14 -2.17 -3.45 0.71
CA ALA A 14 -1.02 -4.14 1.37
C ALA A 14 -0.93 -3.71 2.83
N CYS A 15 -0.95 -2.42 3.07
CA CYS A 15 -0.87 -1.92 4.46
C CYS A 15 -2.20 -2.17 5.18
N ARG A 16 -3.19 -2.64 4.47
CA ARG A 16 -4.51 -2.90 5.12
C ARG A 16 -4.55 -4.34 5.63
N LYS A 17 -3.98 -5.25 4.89
CA LYS A 17 -3.97 -6.67 5.34
C LYS A 17 -2.81 -6.89 6.30
N LYS A 18 -1.75 -6.14 6.14
CA LYS A 18 -0.58 -6.29 7.05
C LYS A 18 -0.58 -5.16 8.07
N LYS A 19 -1.30 -4.10 7.79
CA LYS A 19 -1.35 -2.96 8.76
C LYS A 19 -0.01 -2.23 8.76
N TRP A 20 0.44 -1.78 7.62
CA TRP A 20 1.75 -1.05 7.58
C TRP A 20 1.49 0.44 7.38
N LYS A 21 0.39 0.92 7.88
CA LYS A 21 0.05 2.37 7.74
C LYS A 21 0.53 2.92 6.40
N CYS A 22 -0.33 2.97 5.42
CA CYS A 22 0.08 3.49 4.09
C CYS A 22 -0.10 5.02 4.05
N SER A 23 0.51 5.67 3.11
CA SER A 23 0.38 7.16 3.02
C SER A 23 -0.71 7.51 2.00
N LYS A 24 -1.09 6.55 1.19
CA LYS A 24 -2.16 6.79 0.18
C LYS A 24 -1.57 7.50 -1.03
N THR A 25 -0.91 6.76 -1.89
CA THR A 25 -0.30 7.38 -3.10
C THR A 25 -0.39 6.41 -4.28
N VAL A 26 -0.74 6.89 -5.43
CA VAL A 26 -0.84 6.00 -6.62
C VAL A 26 0.38 6.24 -7.53
N PRO A 27 0.64 5.31 -8.40
CA PRO A 27 -0.15 4.07 -8.56
C PRO A 27 0.06 3.14 -7.36
N THR A 28 1.29 2.90 -7.00
CA THR A 28 1.57 1.97 -5.86
C THR A 28 2.16 2.75 -4.69
N CYS A 29 1.62 2.58 -3.52
CA CYS A 29 2.16 3.30 -2.33
C CYS A 29 3.66 3.02 -2.24
N THR A 30 4.40 3.88 -1.59
CA THR A 30 5.87 3.66 -1.49
C THR A 30 6.15 2.26 -0.92
N ASN A 31 5.26 1.74 -0.13
CA ASN A 31 5.49 0.39 0.45
C ASN A 31 5.37 -0.69 -0.62
N CYS A 32 4.52 -0.49 -1.59
CA CYS A 32 4.35 -1.52 -2.67
C CYS A 32 5.47 -1.38 -3.70
N LEU A 33 5.77 -0.18 -4.11
CA LEU A 33 6.86 0.00 -5.12
C LEU A 33 8.18 -0.42 -4.48
N LYS A 34 8.23 -0.50 -3.18
CA LYS A 34 9.47 -0.92 -2.50
C LYS A 34 9.57 -2.44 -2.52
N TYR A 35 8.62 -3.10 -1.93
CA TYR A 35 8.64 -4.59 -1.93
C TYR A 35 7.97 -5.11 -3.21
N ASN A 36 7.71 -4.24 -4.16
CA ASN A 36 7.06 -4.69 -5.42
C ASN A 36 5.83 -5.54 -5.09
N LEU A 37 4.76 -4.91 -4.70
CA LEU A 37 3.52 -5.68 -4.37
C LEU A 37 2.32 -5.04 -5.08
N ASP A 38 1.37 -5.85 -5.48
CA ASP A 38 0.18 -5.29 -6.18
C ASP A 38 -0.55 -4.32 -5.26
N CYS A 39 -0.44 -3.05 -5.52
CA CYS A 39 -1.11 -2.05 -4.64
C CYS A 39 -2.55 -1.85 -5.11
N VAL A 40 -3.51 -2.21 -4.28
CA VAL A 40 -4.93 -2.03 -4.67
C VAL A 40 -5.63 -1.14 -3.65
N TYR A 41 -6.73 -0.53 -4.01
CA TYR A 41 -7.44 0.35 -3.05
C TYR A 41 -8.92 -0.03 -3.02
N SER A 42 -9.60 0.26 -1.94
CA SER A 42 -11.05 -0.09 -1.85
C SER A 42 -11.89 1.10 -2.34
CD CD B . 0.45 1.07 1.27
CD CD C . -0.07 -0.75 -1.72
N GLN A 10 -7.92 4.24 4.61
CA GLN A 10 -7.09 3.84 5.79
C GLN A 10 -6.04 2.82 5.35
N ALA A 11 -4.85 3.28 5.08
CA ALA A 11 -3.77 2.34 4.65
C ALA A 11 -4.20 1.65 3.34
N CYS A 12 -3.26 1.38 2.48
CA CYS A 12 -3.61 0.72 1.19
C CYS A 12 -3.89 -0.77 1.45
N ASP A 13 -4.15 -1.54 0.43
CA ASP A 13 -4.47 -2.99 0.64
C ASP A 13 -3.28 -3.71 1.29
N ALA A 14 -2.09 -3.39 0.89
CA ALA A 14 -0.90 -4.06 1.48
C ALA A 14 -0.68 -3.56 2.91
N CYS A 15 -0.74 -2.27 3.11
CA CYS A 15 -0.55 -1.71 4.46
C CYS A 15 -1.80 -1.94 5.30
N ARG A 16 -2.85 -2.42 4.69
CA ARG A 16 -4.11 -2.67 5.46
C ARG A 16 -4.11 -4.12 5.96
N LYS A 17 -3.47 -5.00 5.23
CA LYS A 17 -3.43 -6.43 5.67
C LYS A 17 -2.30 -6.62 6.67
N LYS A 18 -1.24 -5.88 6.52
CA LYS A 18 -0.09 -6.03 7.47
C LYS A 18 -0.10 -4.85 8.44
N LYS A 19 -0.80 -3.80 8.10
CA LYS A 19 -0.85 -2.61 9.01
C LYS A 19 0.46 -1.83 8.91
N TRP A 20 0.89 -1.50 7.73
CA TRP A 20 2.15 -0.72 7.58
C TRP A 20 1.82 0.74 7.37
N LYS A 21 0.69 1.16 7.86
CA LYS A 21 0.26 2.59 7.73
C LYS A 21 0.71 3.17 6.39
N CYS A 22 -0.16 3.19 5.41
CA CYS A 22 0.23 3.75 4.09
C CYS A 22 -0.06 5.26 4.05
N SER A 23 0.52 5.96 3.10
CA SER A 23 0.28 7.42 3.00
C SER A 23 -0.79 7.67 1.94
N LYS A 24 -1.02 6.70 1.10
CA LYS A 24 -2.05 6.85 0.03
C LYS A 24 -1.46 7.59 -1.17
N THR A 25 -0.69 6.90 -1.97
CA THR A 25 -0.07 7.55 -3.15
C THR A 25 -0.20 6.62 -4.36
N VAL A 26 -0.66 7.12 -5.48
CA VAL A 26 -0.81 6.26 -6.68
C VAL A 26 0.39 6.47 -7.61
N PRO A 27 0.62 5.53 -8.49
CA PRO A 27 -0.20 4.30 -8.60
C PRO A 27 0.06 3.36 -7.42
N THR A 28 1.29 3.13 -7.10
CA THR A 28 1.63 2.21 -5.98
C THR A 28 2.19 3.01 -4.80
N CYS A 29 1.72 2.74 -3.62
CA CYS A 29 2.24 3.48 -2.43
C CYS A 29 3.74 3.21 -2.29
N THR A 30 4.45 4.09 -1.65
CA THR A 30 5.92 3.88 -1.48
C THR A 30 6.18 2.49 -0.90
N ASN A 31 5.29 1.99 -0.09
CA ASN A 31 5.50 0.64 0.51
C ASN A 31 5.37 -0.44 -0.57
N CYS A 32 4.43 -0.29 -1.48
CA CYS A 32 4.28 -1.33 -2.55
C CYS A 32 5.48 -1.24 -3.48
N LEU A 33 6.05 -0.08 -3.62
CA LEU A 33 7.25 0.05 -4.50
C LEU A 33 8.41 -0.72 -3.86
N LYS A 34 8.42 -0.78 -2.55
CA LYS A 34 9.51 -1.52 -1.86
C LYS A 34 9.35 -3.01 -2.12
N TYR A 35 8.25 -3.56 -1.71
CA TYR A 35 8.02 -5.02 -1.93
C TYR A 35 7.43 -5.23 -3.33
N ASN A 36 7.37 -4.19 -4.13
CA ASN A 36 6.82 -4.32 -5.51
C ASN A 36 5.60 -5.24 -5.50
N LEU A 37 4.47 -4.72 -5.10
CA LEU A 37 3.24 -5.56 -5.06
C LEU A 37 2.07 -4.77 -5.66
N ASP A 38 1.10 -5.45 -6.22
CA ASP A 38 -0.06 -4.73 -6.81
C ASP A 38 -0.74 -3.90 -5.73
N CYS A 39 -0.64 -2.60 -5.83
CA CYS A 39 -1.27 -1.73 -4.80
C CYS A 39 -2.77 -1.60 -5.08
N VAL A 40 -3.60 -2.08 -4.19
CA VAL A 40 -5.07 -1.98 -4.41
C VAL A 40 -5.65 -0.98 -3.42
N TYR A 41 -6.79 -0.41 -3.72
CA TYR A 41 -7.39 0.58 -2.80
C TYR A 41 -8.90 0.39 -2.76
N SER A 42 -9.56 1.00 -1.80
CA SER A 42 -11.04 0.86 -1.71
C SER A 42 -11.41 -0.62 -1.54
CD CD B . 0.51 0.96 1.23
CD CD C . 0.00 -0.72 -1.93
N GLN A 10 -8.85 3.68 4.09
CA GLN A 10 -7.95 3.60 5.28
C GLN A 10 -6.73 2.74 4.93
N ALA A 11 -5.58 3.35 4.76
CA ALA A 11 -4.37 2.56 4.42
C ALA A 11 -4.60 1.81 3.11
N CYS A 12 -3.54 1.50 2.39
CA CYS A 12 -3.69 0.77 1.12
C CYS A 12 -3.92 -0.72 1.40
N ASP A 13 -4.34 -1.47 0.42
CA ASP A 13 -4.62 -2.93 0.64
C ASP A 13 -3.41 -3.61 1.28
N ALA A 14 -2.22 -3.24 0.90
CA ALA A 14 -1.01 -3.89 1.48
C ALA A 14 -0.89 -3.52 2.96
N CYS A 15 -0.85 -2.25 3.25
CA CYS A 15 -0.74 -1.80 4.66
C CYS A 15 -2.05 -2.08 5.41
N ARG A 16 -3.06 -2.54 4.71
CA ARG A 16 -4.36 -2.82 5.39
C ARG A 16 -4.32 -4.23 5.97
N LYS A 17 -3.72 -5.15 5.27
CA LYS A 17 -3.64 -6.55 5.78
C LYS A 17 -2.43 -6.68 6.71
N LYS A 18 -1.43 -5.86 6.50
CA LYS A 18 -0.23 -5.93 7.38
C LYS A 18 -0.23 -4.74 8.34
N LYS A 19 -1.07 -3.77 8.09
CA LYS A 19 -1.11 -2.58 8.98
C LYS A 19 0.22 -1.84 8.92
N TRP A 20 0.68 -1.54 7.74
CA TRP A 20 1.98 -0.81 7.62
C TRP A 20 1.71 0.68 7.39
N LYS A 21 0.62 1.16 7.90
CA LYS A 21 0.26 2.61 7.75
C LYS A 21 0.71 3.12 6.39
N CYS A 22 -0.18 3.12 5.42
CA CYS A 22 0.20 3.62 4.07
C CYS A 22 0.10 5.15 4.04
N SER A 23 0.71 5.78 3.06
CA SER A 23 0.67 7.27 2.99
C SER A 23 -0.46 7.68 2.04
N LYS A 24 -0.91 6.77 1.23
CA LYS A 24 -2.02 7.07 0.28
C LYS A 24 -1.46 7.78 -0.96
N THR A 25 -0.75 7.05 -1.78
CA THR A 25 -0.18 7.65 -3.01
C THR A 25 -0.22 6.62 -4.14
N VAL A 26 -0.43 7.05 -5.35
CA VAL A 26 -0.49 6.09 -6.49
C VAL A 26 0.74 6.26 -7.38
N PRO A 27 0.93 5.32 -8.27
CA PRO A 27 0.06 4.15 -8.42
C PRO A 27 0.21 3.20 -7.24
N THR A 28 1.42 2.86 -6.91
CA THR A 28 1.65 1.92 -5.77
C THR A 28 2.25 2.69 -4.59
N CYS A 29 1.68 2.57 -3.42
CA CYS A 29 2.24 3.28 -2.25
C CYS A 29 3.74 2.98 -2.14
N THR A 30 4.48 3.86 -1.52
CA THR A 30 5.95 3.63 -1.39
C THR A 30 6.24 2.24 -0.82
N ASN A 31 5.32 1.68 -0.07
CA ASN A 31 5.55 0.33 0.52
C ASN A 31 5.47 -0.76 -0.57
N CYS A 32 4.60 -0.59 -1.52
CA CYS A 32 4.47 -1.61 -2.60
C CYS A 32 5.61 -1.43 -3.60
N LEU A 33 6.00 -0.20 -3.85
CA LEU A 33 7.11 0.05 -4.79
C LEU A 33 8.40 -0.53 -4.20
N LYS A 34 8.46 -0.60 -2.89
CA LYS A 34 9.67 -1.15 -2.22
C LYS A 34 9.68 -2.66 -2.40
N TYR A 35 8.68 -3.33 -1.90
CA TYR A 35 8.62 -4.80 -2.03
C TYR A 35 7.97 -5.16 -3.38
N ASN A 36 7.78 -4.20 -4.23
CA ASN A 36 7.16 -4.48 -5.56
C ASN A 36 5.97 -5.43 -5.36
N LEU A 37 4.87 -4.93 -4.88
CA LEU A 37 3.69 -5.79 -4.67
C LEU A 37 2.46 -5.18 -5.37
N ASP A 38 1.36 -5.87 -5.37
CA ASP A 38 0.14 -5.34 -6.03
C ASP A 38 -0.54 -4.34 -5.09
N CYS A 39 -0.38 -3.07 -5.33
CA CYS A 39 -1.04 -2.07 -4.44
C CYS A 39 -2.50 -1.88 -4.87
N VAL A 40 -3.42 -2.25 -4.02
CA VAL A 40 -4.87 -2.09 -4.38
C VAL A 40 -5.50 -1.03 -3.48
N TYR A 41 -6.66 -0.55 -3.83
CA TYR A 41 -7.33 0.49 -2.99
C TYR A 41 -8.84 0.25 -3.00
N SER A 42 -9.55 0.84 -2.09
CA SER A 42 -11.03 0.66 -2.05
C SER A 42 -11.70 2.01 -1.81
CD CD B . 0.56 1.21 1.70
CD CD C . -0.10 -0.61 -1.90
N GLN A 10 -7.12 3.38 8.01
CA GLN A 10 -7.25 3.72 6.56
C GLN A 10 -5.91 3.54 5.87
N ALA A 11 -5.73 2.48 5.13
CA ALA A 11 -4.44 2.25 4.43
C ALA A 11 -4.69 1.51 3.13
N CYS A 12 -3.66 1.22 2.39
CA CYS A 12 -3.83 0.52 1.09
C CYS A 12 -4.03 -0.99 1.37
N ASP A 13 -4.39 -1.75 0.38
CA ASP A 13 -4.64 -3.21 0.60
C ASP A 13 -3.40 -3.89 1.20
N ALA A 14 -2.24 -3.49 0.77
CA ALA A 14 -0.99 -4.12 1.31
C ALA A 14 -0.83 -3.74 2.79
N CYS A 15 -0.76 -2.48 3.07
CA CYS A 15 -0.60 -2.03 4.48
C CYS A 15 -1.88 -2.35 5.27
N ARG A 16 -2.91 -2.77 4.59
CA ARG A 16 -4.18 -3.10 5.31
C ARG A 16 -4.12 -4.52 5.82
N LYS A 17 -3.58 -5.42 5.03
CA LYS A 17 -3.48 -6.84 5.47
C LYS A 17 -2.30 -6.99 6.41
N LYS A 18 -1.25 -6.25 6.20
CA LYS A 18 -0.06 -6.34 7.08
C LYS A 18 -0.09 -5.20 8.10
N LYS A 19 -0.96 -4.24 7.89
CA LYS A 19 -1.03 -3.10 8.85
C LYS A 19 0.27 -2.30 8.80
N TRP A 20 0.70 -1.91 7.62
CA TRP A 20 1.97 -1.13 7.53
C TRP A 20 1.63 0.36 7.35
N LYS A 21 0.51 0.77 7.88
CA LYS A 21 0.09 2.20 7.78
C LYS A 21 0.52 2.79 6.43
N CYS A 22 -0.36 2.80 5.46
CA CYS A 22 0.00 3.39 4.14
C CYS A 22 -0.19 4.90 4.18
N SER A 23 0.38 5.60 3.23
CA SER A 23 0.25 7.09 3.22
C SER A 23 -0.76 7.50 2.15
N LYS A 24 -1.11 6.59 1.28
CA LYS A 24 -2.10 6.89 0.21
C LYS A 24 -1.42 7.63 -0.93
N THR A 25 -0.73 6.92 -1.78
CA THR A 25 -0.04 7.57 -2.93
C THR A 25 -0.13 6.65 -4.15
N VAL A 26 -0.11 7.21 -5.33
CA VAL A 26 -0.20 6.36 -6.55
C VAL A 26 1.09 6.47 -7.36
N PRO A 27 1.30 5.54 -8.25
CA PRO A 27 0.36 4.42 -8.49
C PRO A 27 0.41 3.43 -7.31
N THR A 28 1.58 3.06 -6.90
CA THR A 28 1.70 2.09 -5.76
C THR A 28 2.27 2.82 -4.54
N CYS A 29 1.60 2.70 -3.41
CA CYS A 29 2.10 3.38 -2.19
C CYS A 29 3.60 3.10 -2.06
N THR A 30 4.32 3.95 -1.37
CA THR A 30 5.79 3.74 -1.23
C THR A 30 6.07 2.32 -0.74
N ASN A 31 5.19 1.76 0.05
CA ASN A 31 5.43 0.38 0.57
C ASN A 31 5.29 -0.64 -0.57
N CYS A 32 4.36 -0.44 -1.45
CA CYS A 32 4.18 -1.40 -2.58
C CYS A 32 5.33 -1.21 -3.58
N LEU A 33 5.88 -0.03 -3.62
CA LEU A 33 7.01 0.22 -4.56
C LEU A 33 8.24 -0.52 -4.05
N LYS A 34 8.33 -0.70 -2.75
CA LYS A 34 9.51 -1.42 -2.18
C LYS A 34 9.36 -2.91 -2.47
N TYR A 35 8.28 -3.50 -2.03
CA TYR A 35 8.06 -4.95 -2.27
C TYR A 35 7.41 -5.15 -3.64
N ASN A 36 7.23 -4.08 -4.39
CA ASN A 36 6.61 -4.21 -5.74
C ASN A 36 5.42 -5.17 -5.66
N LEU A 37 4.33 -4.74 -5.08
CA LEU A 37 3.14 -5.62 -4.99
C LEU A 37 1.92 -4.90 -5.59
N ASP A 38 1.05 -5.62 -6.23
CA ASP A 38 -0.16 -4.97 -6.83
C ASP A 38 -0.83 -4.09 -5.79
N CYS A 39 -0.52 -2.82 -5.78
CA CYS A 39 -1.15 -1.91 -4.79
C CYS A 39 -2.60 -1.64 -5.17
N VAL A 40 -3.53 -2.07 -4.37
CA VAL A 40 -4.97 -1.84 -4.69
C VAL A 40 -5.61 -1.03 -3.56
N TYR A 41 -6.75 -0.45 -3.81
CA TYR A 41 -7.42 0.35 -2.75
C TYR A 41 -8.91 0.02 -2.71
N SER A 42 -9.60 0.44 -1.70
CA SER A 42 -11.05 0.14 -1.60
C SER A 42 -11.27 -1.37 -1.67
CD CD B . 0.54 1.12 1.43
CD CD C . 0.00 -0.49 -1.46
N GLN A 10 -7.73 5.68 3.04
CA GLN A 10 -7.40 4.79 4.20
C GLN A 10 -6.15 3.98 3.88
N ALA A 11 -5.59 3.30 4.85
CA ALA A 11 -4.39 2.48 4.59
C ALA A 11 -4.57 1.71 3.28
N CYS A 12 -3.50 1.47 2.57
CA CYS A 12 -3.62 0.74 1.29
C CYS A 12 -3.79 -0.76 1.57
N ASP A 13 -4.18 -1.52 0.58
CA ASP A 13 -4.41 -2.99 0.78
C ASP A 13 -3.16 -3.65 1.37
N ALA A 14 -2.00 -3.21 0.97
CA ALA A 14 -0.75 -3.84 1.49
C ALA A 14 -0.62 -3.53 2.99
N CYS A 15 -0.54 -2.28 3.32
CA CYS A 15 -0.40 -1.90 4.76
C CYS A 15 -1.70 -2.22 5.51
N ARG A 16 -2.72 -2.63 4.80
CA ARG A 16 -4.01 -2.96 5.47
C ARG A 16 -4.01 -4.43 5.89
N LYS A 17 -3.35 -5.26 5.13
CA LYS A 17 -3.30 -6.71 5.47
C LYS A 17 -2.18 -6.95 6.49
N LYS A 18 -1.16 -6.14 6.46
CA LYS A 18 -0.03 -6.32 7.42
C LYS A 18 -0.04 -5.17 8.43
N LYS A 19 -0.73 -4.11 8.13
CA LYS A 19 -0.77 -2.95 9.07
C LYS A 19 0.56 -2.19 9.00
N TRP A 20 0.90 -1.68 7.85
CA TRP A 20 2.19 -0.93 7.73
C TRP A 20 1.89 0.55 7.52
N LYS A 21 0.79 1.01 8.05
CA LYS A 21 0.41 2.45 7.92
C LYS A 21 0.84 3.00 6.54
N CYS A 22 -0.06 3.02 5.60
CA CYS A 22 0.30 3.55 4.25
C CYS A 22 0.23 5.07 4.28
N SER A 23 0.82 5.72 3.30
CA SER A 23 0.79 7.21 3.26
C SER A 23 -0.35 7.66 2.36
N LYS A 24 -0.86 6.76 1.56
CA LYS A 24 -1.99 7.09 0.66
C LYS A 24 -1.46 7.76 -0.60
N THR A 25 -0.65 7.06 -1.35
CA THR A 25 -0.07 7.63 -2.60
C THR A 25 -0.27 6.62 -3.74
N VAL A 26 -0.53 7.08 -4.92
CA VAL A 26 -0.74 6.14 -6.06
C VAL A 26 0.39 6.33 -7.09
N PRO A 27 0.47 5.41 -8.02
CA PRO A 27 -0.43 4.24 -8.09
C PRO A 27 -0.15 3.28 -6.93
N THR A 28 1.10 2.96 -6.72
CA THR A 28 1.45 2.03 -5.61
C THR A 28 2.12 2.79 -4.47
N CYS A 29 1.64 2.62 -3.26
CA CYS A 29 2.25 3.34 -2.11
C CYS A 29 3.75 3.04 -2.07
N THR A 30 4.53 3.91 -1.48
CA THR A 30 6.00 3.67 -1.40
C THR A 30 6.29 2.28 -0.85
N ASN A 31 5.41 1.75 -0.03
CA ASN A 31 5.66 0.39 0.54
C ASN A 31 5.50 -0.68 -0.55
N CYS A 32 4.59 -0.50 -1.45
CA CYS A 32 4.39 -1.52 -2.53
C CYS A 32 5.50 -1.37 -3.56
N LEU A 33 5.99 -0.18 -3.76
CA LEU A 33 7.08 0.03 -4.75
C LEU A 33 8.34 -0.65 -4.21
N LYS A 34 8.48 -0.72 -2.91
CA LYS A 34 9.67 -1.37 -2.31
C LYS A 34 9.56 -2.88 -2.48
N TYR A 35 8.52 -3.46 -1.97
CA TYR A 35 8.34 -4.94 -2.10
C TYR A 35 7.67 -5.25 -3.43
N ASN A 36 7.48 -4.26 -4.26
CA ASN A 36 6.82 -4.50 -5.58
C ASN A 36 5.62 -5.42 -5.39
N LEU A 37 4.48 -4.87 -5.07
CA LEU A 37 3.27 -5.72 -4.87
C LEU A 37 2.05 -4.99 -5.44
N ASP A 38 1.10 -5.73 -5.96
CA ASP A 38 -0.13 -5.08 -6.51
C ASP A 38 -0.79 -4.23 -5.44
N CYS A 39 -0.69 -2.94 -5.54
CA CYS A 39 -1.33 -2.05 -4.53
C CYS A 39 -2.77 -1.74 -4.95
N VAL A 40 -3.72 -2.22 -4.19
CA VAL A 40 -5.15 -1.94 -4.54
C VAL A 40 -5.79 -1.13 -3.42
N TYR A 41 -6.87 -0.45 -3.71
CA TYR A 41 -7.54 0.37 -2.65
C TYR A 41 -9.03 0.02 -2.62
N SER A 42 -9.67 0.26 -1.51
CA SER A 42 -11.13 -0.05 -1.41
C SER A 42 -11.93 1.02 -2.15
CD CD B . 0.57 0.97 1.32
CD CD C . 0.06 -0.63 -1.88
N GLN A 10 -6.92 3.01 8.34
CA GLN A 10 -7.15 3.20 6.88
C GLN A 10 -5.81 3.24 6.15
N ALA A 11 -5.70 2.55 5.05
CA ALA A 11 -4.42 2.56 4.28
C ALA A 11 -4.61 1.78 2.98
N CYS A 12 -3.54 1.42 2.33
CA CYS A 12 -3.66 0.67 1.06
C CYS A 12 -3.86 -0.82 1.38
N ASP A 13 -4.23 -1.61 0.40
CA ASP A 13 -4.49 -3.07 0.67
C ASP A 13 -3.28 -3.72 1.32
N ALA A 14 -2.09 -3.36 0.93
CA ALA A 14 -0.88 -3.98 1.52
C ALA A 14 -0.76 -3.55 2.99
N CYS A 15 -0.69 -2.27 3.24
CA CYS A 15 -0.56 -1.78 4.63
C CYS A 15 -1.88 -2.00 5.38
N ARG A 16 -2.90 -2.47 4.69
CA ARG A 16 -4.21 -2.70 5.38
C ARG A 16 -4.25 -4.13 5.89
N LYS A 17 -3.64 -5.04 5.20
CA LYS A 17 -3.65 -6.47 5.66
C LYS A 17 -2.56 -6.67 6.70
N LYS A 18 -1.48 -5.95 6.59
CA LYS A 18 -0.38 -6.09 7.58
C LYS A 18 -0.40 -4.90 8.54
N LYS A 19 -1.07 -3.84 8.16
CA LYS A 19 -1.14 -2.65 9.06
C LYS A 19 0.18 -1.88 9.00
N TRP A 20 0.68 -1.62 7.82
CA TRP A 20 1.95 -0.86 7.71
C TRP A 20 1.66 0.61 7.47
N LYS A 21 0.53 1.06 7.96
CA LYS A 21 0.15 2.49 7.80
C LYS A 21 0.61 3.03 6.44
N CYS A 22 -0.24 3.00 5.45
CA CYS A 22 0.16 3.51 4.11
C CYS A 22 0.07 5.04 4.09
N SER A 23 0.69 5.68 3.14
CA SER A 23 0.65 7.17 3.07
C SER A 23 -0.47 7.58 2.11
N LYS A 24 -0.92 6.68 1.29
CA LYS A 24 -2.02 6.99 0.34
C LYS A 24 -1.45 7.70 -0.88
N THR A 25 -0.46 7.12 -1.50
CA THR A 25 0.14 7.75 -2.70
C THR A 25 0.04 6.78 -3.88
N VAL A 26 -0.30 7.26 -5.04
CA VAL A 26 -0.40 6.35 -6.21
C VAL A 26 0.79 6.56 -7.15
N PRO A 27 0.94 5.68 -8.11
CA PRO A 27 0.03 4.53 -8.29
C PRO A 27 0.21 3.51 -7.15
N THR A 28 1.42 3.14 -6.88
CA THR A 28 1.66 2.14 -5.80
C THR A 28 2.29 2.84 -4.58
N CYS A 29 1.68 2.72 -3.44
CA CYS A 29 2.25 3.38 -2.23
C CYS A 29 3.75 3.07 -2.15
N THR A 30 4.49 3.90 -1.49
CA THR A 30 5.97 3.67 -1.40
C THR A 30 6.25 2.25 -0.89
N ASN A 31 5.35 1.69 -0.11
CA ASN A 31 5.60 0.31 0.42
C ASN A 31 5.44 -0.73 -0.70
N CYS A 32 4.52 -0.52 -1.61
CA CYS A 32 4.33 -1.51 -2.71
C CYS A 32 5.42 -1.30 -3.76
N LEU A 33 5.88 -0.09 -3.92
CA LEU A 33 6.95 0.17 -4.93
C LEU A 33 8.24 -0.48 -4.44
N LYS A 34 8.41 -0.59 -3.16
CA LYS A 34 9.65 -1.23 -2.61
C LYS A 34 9.56 -2.73 -2.78
N TYR A 35 8.53 -3.34 -2.28
CA TYR A 35 8.39 -4.81 -2.41
C TYR A 35 7.72 -5.14 -3.75
N ASN A 36 7.46 -4.15 -4.55
CA ASN A 36 6.81 -4.39 -5.87
C ASN A 36 5.59 -5.30 -5.69
N LEU A 37 4.53 -4.77 -5.15
CA LEU A 37 3.31 -5.61 -4.94
C LEU A 37 2.09 -4.90 -5.55
N ASP A 38 1.24 -5.63 -6.23
CA ASP A 38 0.05 -5.00 -6.83
C ASP A 38 -0.68 -4.15 -5.78
N CYS A 39 -0.42 -2.88 -5.74
CA CYS A 39 -1.09 -2.01 -4.73
C CYS A 39 -2.55 -1.79 -5.15
N VAL A 40 -3.47 -2.28 -4.36
CA VAL A 40 -4.91 -2.09 -4.71
C VAL A 40 -5.60 -1.29 -3.60
N TYR A 41 -6.71 -0.68 -3.89
CA TYR A 41 -7.43 0.12 -2.86
C TYR A 41 -8.88 -0.33 -2.79
N SER A 42 -9.55 0.01 -1.72
CA SER A 42 -10.98 -0.40 -1.57
C SER A 42 -11.68 0.54 -0.59
CD CD B . 0.50 1.18 1.44
CD CD C . 0.03 -0.57 -1.71
N GLN A 10 -6.69 4.40 8.13
CA GLN A 10 -6.77 4.18 6.66
C GLN A 10 -5.43 3.64 6.14
N ALA A 11 -5.47 2.71 5.23
CA ALA A 11 -4.20 2.15 4.70
C ALA A 11 -4.47 1.47 3.35
N CYS A 12 -3.46 1.32 2.54
CA CYS A 12 -3.66 0.66 1.22
C CYS A 12 -3.82 -0.85 1.42
N ASP A 13 -4.13 -1.58 0.38
CA ASP A 13 -4.34 -3.06 0.52
C ASP A 13 -3.11 -3.73 1.14
N ALA A 14 -1.94 -3.29 0.79
CA ALA A 14 -0.71 -3.92 1.35
C ALA A 14 -0.60 -3.57 2.83
N CYS A 15 -0.62 -2.31 3.15
CA CYS A 15 -0.51 -1.89 4.57
C CYS A 15 -1.80 -2.23 5.31
N ARG A 16 -2.80 -2.69 4.60
CA ARG A 16 -4.09 -3.06 5.28
C ARG A 16 -4.00 -4.50 5.77
N LYS A 17 -3.33 -5.35 5.03
CA LYS A 17 -3.20 -6.77 5.46
C LYS A 17 -2.06 -6.89 6.47
N LYS A 18 -1.06 -6.05 6.35
CA LYS A 18 0.08 -6.10 7.30
C LYS A 18 -0.04 -4.96 8.30
N LYS A 19 -0.92 -4.02 8.03
CA LYS A 19 -1.09 -2.87 8.97
C LYS A 19 0.21 -2.08 9.03
N TRP A 20 0.72 -1.65 7.91
CA TRP A 20 1.99 -0.86 7.92
C TRP A 20 1.68 0.61 7.65
N LYS A 21 0.53 1.06 8.08
CA LYS A 21 0.13 2.48 7.87
C LYS A 21 0.63 3.00 6.53
N CYS A 22 -0.22 3.01 5.53
CA CYS A 22 0.20 3.52 4.20
C CYS A 22 0.16 5.05 4.19
N SER A 23 0.78 5.68 3.23
CA SER A 23 0.79 7.16 3.17
C SER A 23 -0.37 7.62 2.28
N LYS A 24 -0.94 6.71 1.54
CA LYS A 24 -2.08 7.07 0.66
C LYS A 24 -1.58 7.74 -0.60
N THR A 25 -0.84 7.03 -1.40
CA THR A 25 -0.31 7.59 -2.67
C THR A 25 -0.48 6.57 -3.80
N VAL A 26 -0.63 7.03 -5.01
CA VAL A 26 -0.80 6.07 -6.14
C VAL A 26 0.27 6.33 -7.20
N PRO A 27 0.37 5.44 -8.14
CA PRO A 27 -0.49 4.24 -8.22
C PRO A 27 -0.12 3.24 -7.12
N THR A 28 1.14 3.15 -6.78
CA THR A 28 1.56 2.21 -5.72
C THR A 28 2.16 2.96 -4.54
N CYS A 29 1.74 2.63 -3.34
CA CYS A 29 2.29 3.33 -2.15
C CYS A 29 3.78 3.01 -2.03
N THR A 30 4.52 3.85 -1.36
CA THR A 30 5.99 3.62 -1.23
C THR A 30 6.28 2.21 -0.71
N ASN A 31 5.38 1.63 0.06
CA ASN A 31 5.65 0.26 0.60
C ASN A 31 5.47 -0.79 -0.51
N CYS A 32 4.61 -0.53 -1.45
CA CYS A 32 4.39 -1.52 -2.55
C CYS A 32 5.52 -1.38 -3.56
N LEU A 33 6.00 -0.19 -3.77
CA LEU A 33 7.13 -0.01 -4.73
C LEU A 33 8.38 -0.64 -4.13
N LYS A 34 8.40 -0.77 -2.82
CA LYS A 34 9.58 -1.38 -2.15
C LYS A 34 9.56 -2.88 -2.36
N TYR A 35 8.51 -3.52 -1.91
CA TYR A 35 8.42 -5.00 -2.07
C TYR A 35 7.82 -5.31 -3.45
N ASN A 36 7.72 -4.32 -4.31
CA ASN A 36 7.16 -4.57 -5.67
C ASN A 36 5.94 -5.48 -5.59
N LEU A 37 4.81 -4.97 -5.21
CA LEU A 37 3.59 -5.82 -5.13
C LEU A 37 2.38 -5.02 -5.61
N ASP A 38 1.45 -5.68 -6.25
CA ASP A 38 0.25 -4.95 -6.75
C ASP A 38 -0.37 -4.13 -5.62
N CYS A 39 -0.53 -2.84 -5.83
CA CYS A 39 -1.12 -1.99 -4.77
C CYS A 39 -2.58 -1.69 -5.10
N VAL A 40 -3.50 -2.27 -4.37
CA VAL A 40 -4.94 -2.01 -4.65
C VAL A 40 -5.53 -1.16 -3.53
N TYR A 41 -6.69 -0.59 -3.75
CA TYR A 41 -7.32 0.25 -2.70
C TYR A 41 -8.81 -0.11 -2.57
N SER A 42 -9.44 0.30 -1.50
CA SER A 42 -10.88 -0.01 -1.32
C SER A 42 -11.66 0.47 -2.56
CD CD B . 0.53 1.12 1.15
CD CD C . -0.09 -0.59 -2.00
N GLN A 10 -8.81 4.10 4.37
CA GLN A 10 -7.79 3.66 5.37
C GLN A 10 -6.51 3.27 4.64
N ALA A 11 -5.56 2.71 5.35
CA ALA A 11 -4.29 2.29 4.71
C ALA A 11 -4.60 1.56 3.40
N CYS A 12 -3.59 1.28 2.62
CA CYS A 12 -3.82 0.57 1.33
C CYS A 12 -4.06 -0.92 1.62
N ASP A 13 -4.51 -1.67 0.65
CA ASP A 13 -4.81 -3.12 0.90
C ASP A 13 -3.60 -3.83 1.51
N ALA A 14 -2.41 -3.48 1.08
CA ALA A 14 -1.19 -4.13 1.63
C ALA A 14 -1.02 -3.71 3.10
N CYS A 15 -0.97 -2.43 3.34
CA CYS A 15 -0.78 -1.95 4.73
C CYS A 15 -2.07 -2.20 5.54
N ARG A 16 -3.10 -2.68 4.91
CA ARG A 16 -4.37 -2.95 5.66
C ARG A 16 -4.34 -4.36 6.24
N LYS A 17 -3.80 -5.30 5.51
CA LYS A 17 -3.73 -6.69 6.02
C LYS A 17 -2.50 -6.85 6.91
N LYS A 18 -1.47 -6.09 6.64
CA LYS A 18 -0.24 -6.19 7.47
C LYS A 18 -0.17 -4.99 8.43
N LYS A 19 -0.99 -4.00 8.20
CA LYS A 19 -0.97 -2.80 9.08
C LYS A 19 0.37 -2.10 8.97
N TRP A 20 0.78 -1.77 7.77
CA TRP A 20 2.09 -1.07 7.60
C TRP A 20 1.84 0.41 7.38
N LYS A 21 0.80 0.92 7.97
CA LYS A 21 0.47 2.38 7.85
C LYS A 21 0.81 2.90 6.45
N CYS A 22 -0.16 2.99 5.58
CA CYS A 22 0.12 3.52 4.21
C CYS A 22 -0.10 5.04 4.20
N SER A 23 0.41 5.72 3.20
CA SER A 23 0.24 7.20 3.14
C SER A 23 -0.78 7.55 2.06
N LYS A 24 -1.13 6.60 1.24
CA LYS A 24 -2.13 6.84 0.17
C LYS A 24 -1.46 7.54 -1.02
N THR A 25 -0.53 6.87 -1.65
CA THR A 25 0.17 7.47 -2.82
C THR A 25 0.03 6.53 -4.01
N VAL A 26 0.01 7.07 -5.21
CA VAL A 26 -0.13 6.19 -6.41
C VAL A 26 1.16 6.27 -7.25
N PRO A 27 1.31 5.33 -8.15
CA PRO A 27 0.35 4.23 -8.34
C PRO A 27 0.39 3.26 -7.16
N THR A 28 1.57 2.86 -6.78
CA THR A 28 1.70 1.92 -5.63
C THR A 28 2.27 2.66 -4.42
N CYS A 29 1.59 2.59 -3.30
CA CYS A 29 2.10 3.29 -2.09
C CYS A 29 3.60 3.03 -1.96
N THR A 30 4.31 3.90 -1.29
CA THR A 30 5.78 3.70 -1.15
C THR A 30 6.07 2.29 -0.63
N ASN A 31 5.20 1.75 0.18
CA ASN A 31 5.44 0.38 0.71
C ASN A 31 5.33 -0.66 -0.40
N CYS A 32 4.36 -0.52 -1.27
CA CYS A 32 4.19 -1.51 -2.37
C CYS A 32 5.32 -1.30 -3.39
N LEU A 33 5.87 -0.12 -3.45
CA LEU A 33 6.98 0.14 -4.40
C LEU A 33 8.22 -0.60 -3.93
N LYS A 34 8.42 -0.68 -2.64
CA LYS A 34 9.61 -1.40 -2.12
C LYS A 34 9.44 -2.90 -2.36
N TYR A 35 8.36 -3.45 -1.90
CA TYR A 35 8.12 -4.91 -2.11
C TYR A 35 7.47 -5.14 -3.48
N ASN A 36 7.28 -4.10 -4.23
CA ASN A 36 6.66 -4.25 -5.58
C ASN A 36 5.49 -5.23 -5.51
N LEU A 37 4.32 -4.76 -5.15
CA LEU A 37 3.14 -5.67 -5.08
C LEU A 37 1.96 -5.01 -5.80
N ASP A 38 0.89 -5.74 -5.97
CA ASP A 38 -0.30 -5.16 -6.67
C ASP A 38 -1.04 -4.22 -5.70
N CYS A 39 -0.58 -3.01 -5.58
CA CYS A 39 -1.24 -2.05 -4.66
C CYS A 39 -2.64 -1.71 -5.17
N VAL A 40 -3.65 -2.08 -4.43
CA VAL A 40 -5.04 -1.77 -4.86
C VAL A 40 -5.70 -0.87 -3.82
N TYR A 41 -6.75 -0.18 -4.19
CA TYR A 41 -7.43 0.72 -3.21
C TYR A 41 -8.93 0.48 -3.26
N SER A 42 -9.62 0.79 -2.20
CA SER A 42 -11.10 0.58 -2.17
C SER A 42 -11.76 1.50 -3.21
CD CD B . 0.60 1.15 1.50
CD CD C . 0.25 -0.37 -1.78
N GLN A 10 -7.20 3.06 7.93
CA GLN A 10 -6.77 3.96 6.84
C GLN A 10 -5.44 3.46 6.25
N ALA A 11 -5.51 2.58 5.30
CA ALA A 11 -4.25 2.05 4.69
C ALA A 11 -4.57 1.39 3.35
N CYS A 12 -3.57 1.11 2.56
CA CYS A 12 -3.81 0.47 1.24
C CYS A 12 -4.06 -1.03 1.44
N ASP A 13 -4.37 -1.76 0.40
CA ASP A 13 -4.66 -3.22 0.58
C ASP A 13 -3.48 -3.93 1.24
N ALA A 14 -2.28 -3.57 0.88
CA ALA A 14 -1.10 -4.23 1.49
C ALA A 14 -0.97 -3.81 2.96
N CYS A 15 -0.94 -2.54 3.21
CA CYS A 15 -0.83 -2.04 4.60
C CYS A 15 -2.14 -2.29 5.35
N ARG A 16 -3.15 -2.76 4.67
CA ARG A 16 -4.45 -3.00 5.35
C ARG A 16 -4.48 -4.43 5.90
N LYS A 17 -3.90 -5.36 5.20
CA LYS A 17 -3.88 -6.76 5.69
C LYS A 17 -2.73 -6.95 6.68
N LYS A 18 -1.67 -6.20 6.52
CA LYS A 18 -0.52 -6.32 7.45
C LYS A 18 -0.50 -5.12 8.39
N LYS A 19 -1.27 -4.11 8.09
CA LYS A 19 -1.30 -2.91 8.98
C LYS A 19 0.06 -2.19 8.90
N TRP A 20 0.54 -1.92 7.72
CA TRP A 20 1.85 -1.22 7.59
C TRP A 20 1.61 0.27 7.42
N LYS A 21 0.53 0.75 7.97
CA LYS A 21 0.19 2.20 7.88
C LYS A 21 0.60 2.77 6.51
N CYS A 22 -0.32 2.85 5.59
CA CYS A 22 0.02 3.39 4.25
C CYS A 22 -0.22 4.91 4.23
N SER A 23 0.34 5.59 3.27
CA SER A 23 0.17 7.08 3.20
C SER A 23 -0.98 7.40 2.25
N LYS A 24 -1.31 6.48 1.38
CA LYS A 24 -2.42 6.70 0.42
C LYS A 24 -1.92 7.49 -0.79
N THR A 25 -1.03 6.91 -1.55
CA THR A 25 -0.49 7.61 -2.75
C THR A 25 -0.53 6.66 -3.95
N VAL A 26 -0.64 7.18 -5.13
CA VAL A 26 -0.70 6.30 -6.33
C VAL A 26 0.56 6.53 -7.18
N PRO A 27 0.79 5.62 -8.11
CA PRO A 27 -0.06 4.44 -8.33
C PRO A 27 0.09 3.45 -7.17
N THR A 28 1.30 3.12 -6.82
CA THR A 28 1.53 2.16 -5.72
C THR A 28 2.09 2.88 -4.49
N CYS A 29 1.50 2.67 -3.34
CA CYS A 29 2.01 3.35 -2.12
C CYS A 29 3.51 3.10 -2.00
N THR A 30 4.22 3.96 -1.32
CA THR A 30 5.68 3.78 -1.18
C THR A 30 6.01 2.35 -0.70
N ASN A 31 5.12 1.76 0.05
CA ASN A 31 5.39 0.38 0.56
C ASN A 31 5.29 -0.65 -0.58
N CYS A 32 4.40 -0.44 -1.51
CA CYS A 32 4.26 -1.41 -2.63
C CYS A 32 5.39 -1.21 -3.64
N LEU A 33 5.76 0.03 -3.89
CA LEU A 33 6.87 0.26 -4.86
C LEU A 33 8.15 -0.31 -4.28
N LYS A 34 8.22 -0.43 -2.98
CA LYS A 34 9.43 -0.99 -2.34
C LYS A 34 9.46 -2.50 -2.54
N TYR A 35 8.48 -3.19 -2.03
CA TYR A 35 8.43 -4.67 -2.21
C TYR A 35 7.76 -5.00 -3.54
N ASN A 36 7.56 -4.01 -4.37
CA ASN A 36 6.91 -4.27 -5.69
C ASN A 36 5.71 -5.21 -5.50
N LEU A 37 4.64 -4.71 -4.93
CA LEU A 37 3.45 -5.57 -4.71
C LEU A 37 2.22 -4.92 -5.36
N ASP A 38 1.32 -5.71 -5.88
CA ASP A 38 0.11 -5.14 -6.52
C ASP A 38 -0.63 -4.23 -5.54
N CYS A 39 -0.36 -2.95 -5.58
CA CYS A 39 -1.05 -2.02 -4.64
C CYS A 39 -2.50 -1.84 -5.07
N VAL A 40 -3.43 -2.37 -4.32
CA VAL A 40 -4.86 -2.21 -4.69
C VAL A 40 -5.58 -1.42 -3.59
N TYR A 41 -6.74 -0.88 -3.90
CA TYR A 41 -7.48 -0.09 -2.88
C TYR A 41 -8.95 -0.51 -2.90
N SER A 42 -9.68 -0.21 -1.86
CA SER A 42 -11.12 -0.58 -1.81
C SER A 42 -11.27 -2.07 -2.11
CD CD B . 0.42 0.95 1.28
CD CD C . -0.17 -0.70 -1.90
N GLN A 10 -7.65 2.00 7.50
CA GLN A 10 -7.09 3.31 7.07
C GLN A 10 -5.74 3.09 6.41
N ALA A 11 -5.72 2.55 5.23
CA ALA A 11 -4.43 2.31 4.53
C ALA A 11 -4.69 1.58 3.21
N CYS A 12 -3.65 1.25 2.49
CA CYS A 12 -3.83 0.53 1.21
C CYS A 12 -4.01 -0.97 1.48
N ASP A 13 -4.36 -1.74 0.48
CA ASP A 13 -4.60 -3.21 0.71
C ASP A 13 -3.37 -3.88 1.32
N ALA A 14 -2.20 -3.48 0.91
CA ALA A 14 -0.97 -4.10 1.47
C ALA A 14 -0.82 -3.72 2.94
N CYS A 15 -0.74 -2.45 3.21
CA CYS A 15 -0.60 -1.98 4.61
C CYS A 15 -1.87 -2.33 5.39
N ARG A 16 -2.90 -2.76 4.72
CA ARG A 16 -4.15 -3.12 5.43
C ARG A 16 -4.11 -4.62 5.80
N LYS A 17 -3.38 -5.39 5.05
CA LYS A 17 -3.29 -6.85 5.36
C LYS A 17 -2.25 -7.07 6.46
N LYS A 18 -1.26 -6.22 6.54
CA LYS A 18 -0.22 -6.38 7.59
C LYS A 18 -0.26 -5.19 8.54
N LYS A 19 -0.95 -4.14 8.15
CA LYS A 19 -1.04 -2.94 9.03
C LYS A 19 0.27 -2.15 8.97
N TRP A 20 0.68 -1.75 7.80
CA TRP A 20 1.95 -0.98 7.67
C TRP A 20 1.62 0.50 7.47
N LYS A 21 0.50 0.93 8.00
CA LYS A 21 0.09 2.36 7.86
C LYS A 21 0.52 2.92 6.50
N CYS A 22 -0.38 2.92 5.54
CA CYS A 22 -0.02 3.46 4.20
C CYS A 22 -0.22 4.99 4.20
N SER A 23 0.34 5.68 3.25
CA SER A 23 0.20 7.16 3.19
C SER A 23 -0.88 7.52 2.18
N LYS A 24 -1.21 6.60 1.31
CA LYS A 24 -2.26 6.86 0.29
C LYS A 24 -1.66 7.61 -0.90
N THR A 25 -0.96 6.91 -1.75
CA THR A 25 -0.35 7.56 -2.94
C THR A 25 -0.36 6.58 -4.11
N VAL A 26 -0.61 7.06 -5.30
CA VAL A 26 -0.63 6.16 -6.48
C VAL A 26 0.63 6.36 -7.32
N PRO A 27 0.89 5.45 -8.22
CA PRO A 27 0.04 4.24 -8.41
C PRO A 27 0.18 3.29 -7.23
N THR A 28 1.38 3.00 -6.82
CA THR A 28 1.59 2.06 -5.68
C THR A 28 2.15 2.83 -4.47
N CYS A 29 1.55 2.67 -3.33
CA CYS A 29 2.05 3.37 -2.13
C CYS A 29 3.56 3.13 -1.99
N THR A 30 4.26 4.01 -1.33
CA THR A 30 5.73 3.83 -1.18
C THR A 30 6.05 2.42 -0.66
N ASN A 31 5.15 1.83 0.09
CA ASN A 31 5.42 0.46 0.63
C ASN A 31 5.34 -0.58 -0.50
N CYS A 32 4.38 -0.45 -1.37
CA CYS A 32 4.24 -1.43 -2.48
C CYS A 32 5.39 -1.25 -3.47
N LEU A 33 5.85 -0.03 -3.62
CA LEU A 33 6.98 0.21 -4.55
C LEU A 33 8.25 -0.35 -3.92
N LYS A 34 8.24 -0.57 -2.64
CA LYS A 34 9.43 -1.13 -1.95
C LYS A 34 9.50 -2.62 -2.22
N TYR A 35 8.48 -3.34 -1.87
CA TYR A 35 8.48 -4.81 -2.10
C TYR A 35 7.99 -5.10 -3.52
N ASN A 36 7.71 -4.07 -4.28
CA ASN A 36 7.25 -4.29 -5.69
C ASN A 36 6.08 -5.29 -5.71
N LEU A 37 4.91 -4.85 -5.34
CA LEU A 37 3.74 -5.77 -5.35
C LEU A 37 2.52 -5.03 -5.91
N ASP A 38 1.43 -5.73 -6.10
CA ASP A 38 0.22 -5.06 -6.63
C ASP A 38 -0.44 -4.20 -5.55
N CYS A 39 -0.58 -2.93 -5.78
CA CYS A 39 -1.21 -2.06 -4.75
C CYS A 39 -2.66 -1.76 -5.14
N VAL A 40 -3.60 -2.25 -4.38
CA VAL A 40 -5.03 -2.00 -4.72
C VAL A 40 -5.67 -1.13 -3.63
N TYR A 41 -6.76 -0.48 -3.94
CA TYR A 41 -7.42 0.39 -2.93
C TYR A 41 -8.92 0.09 -2.89
N SER A 42 -9.63 0.70 -1.98
CA SER A 42 -11.10 0.44 -1.90
C SER A 42 -11.34 -1.06 -1.73
CD CD B . 0.75 1.16 1.66
CD CD C . 0.15 -0.44 -1.56
N GLN A 10 -8.25 3.85 4.75
CA GLN A 10 -7.76 2.94 5.82
C GLN A 10 -6.52 2.19 5.33
N ALA A 11 -5.49 2.91 4.95
CA ALA A 11 -4.25 2.25 4.46
C ALA A 11 -4.56 1.51 3.15
N CYS A 12 -3.56 1.27 2.36
CA CYS A 12 -3.78 0.55 1.07
C CYS A 12 -3.96 -0.94 1.36
N ASP A 13 -4.41 -1.70 0.39
CA ASP A 13 -4.65 -3.16 0.63
C ASP A 13 -3.42 -3.82 1.25
N ALA A 14 -2.24 -3.42 0.83
CA ALA A 14 -1.01 -4.04 1.41
C ALA A 14 -0.86 -3.62 2.87
N CYS A 15 -0.84 -2.34 3.12
CA CYS A 15 -0.70 -1.86 4.51
C CYS A 15 -1.97 -2.15 5.31
N ARG A 16 -2.98 -2.67 4.65
CA ARG A 16 -4.25 -2.97 5.38
C ARG A 16 -4.21 -4.42 5.88
N LYS A 17 -3.57 -5.29 5.15
CA LYS A 17 -3.49 -6.71 5.59
C LYS A 17 -2.34 -6.87 6.58
N LYS A 18 -1.32 -6.06 6.45
CA LYS A 18 -0.17 -6.15 7.38
C LYS A 18 -0.23 -4.98 8.37
N LYS A 19 -0.93 -3.93 8.02
CA LYS A 19 -1.02 -2.76 8.93
C LYS A 19 0.28 -1.97 8.88
N TRP A 20 0.73 -1.59 7.71
CA TRP A 20 1.99 -0.80 7.61
C TRP A 20 1.67 0.66 7.38
N LYS A 21 0.54 1.11 7.88
CA LYS A 21 0.13 2.53 7.72
C LYS A 21 0.57 3.06 6.35
N CYS A 22 -0.31 3.04 5.39
CA CYS A 22 0.06 3.55 4.04
C CYS A 22 -0.14 5.07 3.98
N SER A 23 0.43 5.72 3.00
CA SER A 23 0.27 7.21 2.89
C SER A 23 -0.79 7.50 1.84
N LYS A 24 -1.10 6.54 1.02
CA LYS A 24 -2.14 6.71 -0.02
C LYS A 24 -1.54 7.46 -1.22
N THR A 25 -0.77 6.78 -2.03
CA THR A 25 -0.17 7.43 -3.22
C THR A 25 -0.26 6.47 -4.41
N VAL A 26 -0.27 6.98 -5.60
CA VAL A 26 -0.37 6.10 -6.80
C VAL A 26 0.91 6.21 -7.63
N PRO A 27 1.11 5.25 -8.50
CA PRO A 27 0.21 4.10 -8.67
C PRO A 27 0.31 3.14 -7.48
N THR A 28 1.52 2.85 -7.05
CA THR A 28 1.70 1.91 -5.91
C THR A 28 2.27 2.68 -4.70
N CYS A 29 1.62 2.59 -3.58
CA CYS A 29 2.13 3.30 -2.38
C CYS A 29 3.63 3.06 -2.25
N THR A 30 4.34 3.94 -1.60
CA THR A 30 5.81 3.75 -1.47
C THR A 30 6.12 2.36 -0.91
N ASN A 31 5.23 1.81 -0.13
CA ASN A 31 5.49 0.45 0.45
C ASN A 31 5.37 -0.63 -0.62
N CYS A 32 4.49 -0.46 -1.57
CA CYS A 32 4.32 -1.49 -2.63
C CYS A 32 5.44 -1.36 -3.67
N LEU A 33 5.85 -0.16 -3.97
CA LEU A 33 6.93 0.01 -4.98
C LEU A 33 8.23 -0.55 -4.39
N LYS A 34 8.35 -0.52 -3.09
CA LYS A 34 9.59 -1.06 -2.46
C LYS A 34 9.56 -2.58 -2.53
N TYR A 35 8.55 -3.19 -1.97
CA TYR A 35 8.46 -4.67 -2.01
C TYR A 35 7.79 -5.11 -3.31
N ASN A 36 7.59 -4.19 -4.23
CA ASN A 36 6.95 -4.56 -5.52
C ASN A 36 5.75 -5.48 -5.25
N LEU A 37 4.61 -4.91 -4.94
CA LEU A 37 3.41 -5.75 -4.66
C LEU A 37 2.19 -5.10 -5.30
N ASP A 38 1.21 -5.89 -5.68
CA ASP A 38 -0.01 -5.31 -6.30
C ASP A 38 -0.64 -4.31 -5.34
N CYS A 39 -0.63 -3.05 -5.68
CA CYS A 39 -1.23 -2.03 -4.78
C CYS A 39 -2.63 -1.67 -5.27
N VAL A 40 -3.64 -2.18 -4.61
CA VAL A 40 -5.03 -1.86 -5.04
C VAL A 40 -5.65 -0.87 -4.04
N TYR A 41 -6.72 -0.23 -4.41
CA TYR A 41 -7.36 0.75 -3.48
C TYR A 41 -8.88 0.62 -3.56
N SER A 42 -9.57 1.00 -2.51
CA SER A 42 -11.05 0.88 -2.53
C SER A 42 -11.65 1.99 -1.65
CD CD B . 0.66 1.06 1.35
CD CD C . 0.06 -0.63 -1.81
N GLN A 10 -8.59 4.63 4.07
CA GLN A 10 -7.65 4.10 5.09
C GLN A 10 -6.34 3.67 4.42
N ALA A 11 -5.52 2.92 5.09
CA ALA A 11 -4.24 2.49 4.49
C ALA A 11 -4.52 1.77 3.17
N CYS A 12 -3.49 1.41 2.45
CA CYS A 12 -3.69 0.71 1.15
C CYS A 12 -3.95 -0.78 1.41
N ASP A 13 -4.11 -1.57 0.38
CA ASP A 13 -4.41 -3.02 0.59
C ASP A 13 -3.23 -3.73 1.28
N ALA A 14 -2.03 -3.38 0.95
CA ALA A 14 -0.86 -4.03 1.60
C ALA A 14 -0.74 -3.56 3.05
N CYS A 15 -0.84 -2.28 3.28
CA CYS A 15 -0.74 -1.75 4.66
C CYS A 15 -2.06 -1.97 5.40
N ARG A 16 -3.06 -2.43 4.71
CA ARG A 16 -4.37 -2.66 5.38
C ARG A 16 -4.39 -4.07 5.98
N LYS A 17 -3.85 -5.02 5.27
CA LYS A 17 -3.82 -6.42 5.79
C LYS A 17 -2.67 -6.56 6.79
N LYS A 18 -1.59 -5.87 6.55
CA LYS A 18 -0.43 -5.96 7.47
C LYS A 18 -0.46 -4.78 8.43
N LYS A 19 -1.22 -3.76 8.11
CA LYS A 19 -1.29 -2.57 9.01
C LYS A 19 0.04 -1.83 8.98
N TRP A 20 0.53 -1.51 7.80
CA TRP A 20 1.82 -0.77 7.72
C TRP A 20 1.54 0.71 7.48
N LYS A 21 0.42 1.18 7.97
CA LYS A 21 0.06 2.62 7.81
C LYS A 21 0.54 3.14 6.45
N CYS A 22 -0.32 3.14 5.46
CA CYS A 22 0.09 3.64 4.12
C CYS A 22 -0.03 5.17 4.09
N SER A 23 0.60 5.79 3.12
CA SER A 23 0.53 7.28 3.04
C SER A 23 -0.56 7.67 2.05
N LYS A 24 -0.95 6.75 1.20
CA LYS A 24 -2.01 7.03 0.20
C LYS A 24 -1.41 7.73 -1.00
N THR A 25 -0.74 6.99 -1.86
CA THR A 25 -0.13 7.60 -3.06
C THR A 25 -0.29 6.64 -4.25
N VAL A 26 -0.28 7.17 -5.45
CA VAL A 26 -0.43 6.29 -6.64
C VAL A 26 0.83 6.39 -7.51
N PRO A 27 1.03 5.41 -8.36
CA PRO A 27 0.13 4.25 -8.49
C PRO A 27 0.26 3.32 -7.27
N THR A 28 1.47 3.02 -6.89
CA THR A 28 1.68 2.10 -5.73
C THR A 28 2.26 2.88 -4.55
N CYS A 29 1.74 2.63 -3.37
CA CYS A 29 2.27 3.35 -2.18
C CYS A 29 3.76 3.06 -2.05
N THR A 30 4.51 3.91 -1.41
CA THR A 30 5.97 3.66 -1.27
C THR A 30 6.22 2.25 -0.73
N ASN A 31 5.30 1.71 0.03
CA ASN A 31 5.51 0.35 0.59
C ASN A 31 5.37 -0.72 -0.52
N CYS A 32 4.50 -0.50 -1.46
CA CYS A 32 4.31 -1.51 -2.55
C CYS A 32 5.44 -1.35 -3.57
N LEU A 33 5.93 -0.15 -3.73
CA LEU A 33 7.03 0.07 -4.70
C LEU A 33 8.29 -0.62 -4.17
N LYS A 34 8.45 -0.67 -2.88
CA LYS A 34 9.64 -1.33 -2.29
C LYS A 34 9.51 -2.84 -2.46
N TYR A 35 8.45 -3.41 -1.93
CA TYR A 35 8.26 -4.87 -2.06
C TYR A 35 7.58 -5.18 -3.40
N ASN A 36 7.40 -4.20 -4.23
CA ASN A 36 6.76 -4.44 -5.55
C ASN A 36 5.53 -5.34 -5.36
N LEU A 37 4.46 -4.81 -4.81
CA LEU A 37 3.25 -5.64 -4.59
C LEU A 37 2.05 -4.95 -5.24
N ASP A 38 1.15 -5.70 -5.80
CA ASP A 38 -0.05 -5.09 -6.44
C ASP A 38 -0.71 -4.13 -5.45
N CYS A 39 -0.43 -2.86 -5.56
CA CYS A 39 -1.03 -1.88 -4.62
C CYS A 39 -2.49 -1.64 -4.99
N VAL A 40 -3.40 -2.01 -4.14
CA VAL A 40 -4.85 -1.79 -4.43
C VAL A 40 -5.44 -0.82 -3.40
N TYR A 41 -6.59 -0.29 -3.65
CA TYR A 41 -7.21 0.66 -2.69
C TYR A 41 -8.68 0.29 -2.47
N SER A 42 -9.36 0.99 -1.61
CA SER A 42 -10.79 0.68 -1.36
C SER A 42 -11.46 1.86 -0.65
CD CD B . 0.68 1.11 1.55
CD CD C . 0.19 -0.45 -1.69
N GLN A 10 -7.96 5.52 4.95
CA GLN A 10 -7.88 4.04 5.08
C GLN A 10 -6.54 3.55 4.50
N ALA A 11 -5.73 2.92 5.30
CA ALA A 11 -4.43 2.43 4.79
C ALA A 11 -4.65 1.65 3.49
N CYS A 12 -3.61 1.44 2.73
CA CYS A 12 -3.77 0.71 1.45
C CYS A 12 -3.92 -0.79 1.73
N ASP A 13 -4.34 -1.56 0.76
CA ASP A 13 -4.55 -3.02 0.99
C ASP A 13 -3.28 -3.67 1.55
N ALA A 14 -2.13 -3.24 1.12
CA ALA A 14 -0.87 -3.85 1.65
C ALA A 14 -0.72 -3.52 3.13
N CYS A 15 -0.65 -2.25 3.45
CA CYS A 15 -0.49 -1.84 4.87
C CYS A 15 -1.76 -2.18 5.65
N ARG A 16 -2.80 -2.61 4.97
CA ARG A 16 -4.06 -2.95 5.68
C ARG A 16 -4.00 -4.42 6.10
N LYS A 17 -3.32 -5.23 5.35
CA LYS A 17 -3.22 -6.68 5.69
C LYS A 17 -2.13 -6.85 6.75
N LYS A 18 -1.10 -6.05 6.70
CA LYS A 18 0.00 -6.18 7.69
C LYS A 18 -0.04 -5.00 8.65
N LYS A 19 -0.76 -3.97 8.32
CA LYS A 19 -0.84 -2.79 9.22
C LYS A 19 0.46 -1.98 9.13
N TRP A 20 0.83 -1.56 7.96
CA TRP A 20 2.09 -0.77 7.82
C TRP A 20 1.77 0.69 7.58
N LYS A 21 0.65 1.13 8.10
CA LYS A 21 0.24 2.56 7.95
C LYS A 21 0.66 3.10 6.58
N CYS A 22 -0.24 3.10 5.63
CA CYS A 22 0.12 3.63 4.27
C CYS A 22 0.06 5.15 4.29
N SER A 23 0.65 5.79 3.31
CA SER A 23 0.63 7.28 3.25
C SER A 23 -0.49 7.74 2.31
N LYS A 24 -1.02 6.83 1.56
CA LYS A 24 -2.14 7.18 0.64
C LYS A 24 -1.57 7.84 -0.62
N THR A 25 -0.65 7.18 -1.26
CA THR A 25 -0.04 7.76 -2.50
C THR A 25 -0.19 6.74 -3.64
N VAL A 26 -0.47 7.19 -4.83
CA VAL A 26 -0.64 6.24 -5.97
C VAL A 26 0.51 6.44 -6.96
N PRO A 27 0.60 5.55 -7.92
CA PRO A 27 -0.31 4.40 -8.05
C PRO A 27 -0.10 3.41 -6.90
N THR A 28 1.12 3.01 -6.68
CA THR A 28 1.41 2.05 -5.58
C THR A 28 2.05 2.79 -4.40
N CYS A 29 1.49 2.66 -3.23
CA CYS A 29 2.08 3.35 -2.05
C CYS A 29 3.57 3.05 -1.97
N THR A 30 4.33 3.90 -1.35
CA THR A 30 5.81 3.67 -1.25
C THR A 30 6.10 2.26 -0.74
N ASN A 31 5.24 1.72 0.08
CA ASN A 31 5.50 0.34 0.61
C ASN A 31 5.34 -0.71 -0.50
N CYS A 32 4.44 -0.50 -1.40
CA CYS A 32 4.24 -1.49 -2.50
C CYS A 32 5.33 -1.30 -3.55
N LEU A 33 5.77 -0.10 -3.75
CA LEU A 33 6.84 0.14 -4.75
C LEU A 33 8.12 -0.53 -4.25
N LYS A 34 8.24 -0.65 -2.95
CA LYS A 34 9.44 -1.31 -2.37
C LYS A 34 9.36 -2.82 -2.63
N TYR A 35 8.36 -3.44 -2.09
CA TYR A 35 8.20 -4.91 -2.30
C TYR A 35 7.49 -5.17 -3.62
N ASN A 36 7.30 -4.15 -4.42
CA ASN A 36 6.62 -4.32 -5.73
C ASN A 36 5.43 -5.27 -5.57
N LEU A 37 4.33 -4.78 -5.05
CA LEU A 37 3.14 -5.66 -4.87
C LEU A 37 1.91 -4.97 -5.44
N ASP A 38 0.97 -5.73 -5.93
CA ASP A 38 -0.26 -5.13 -6.51
C ASP A 38 -0.91 -4.21 -5.46
N CYS A 39 -0.72 -2.93 -5.58
CA CYS A 39 -1.33 -1.99 -4.58
C CYS A 39 -2.74 -1.62 -5.04
N VAL A 40 -3.74 -2.02 -4.29
CA VAL A 40 -5.14 -1.68 -4.68
C VAL A 40 -5.74 -0.73 -3.64
N TYR A 41 -6.76 -0.01 -4.00
CA TYR A 41 -7.38 0.94 -3.03
C TYR A 41 -8.90 0.80 -3.06
N SER A 42 -9.57 1.18 -2.01
CA SER A 42 -11.05 1.06 -1.99
C SER A 42 -11.44 -0.40 -1.79
CD CD B . 0.37 0.96 1.45
CD CD C . -0.15 -0.81 -1.69
N GLN A 10 -7.14 2.75 8.44
CA GLN A 10 -6.85 3.54 7.22
C GLN A 10 -5.52 3.09 6.61
N ALA A 11 -5.52 2.73 5.37
CA ALA A 11 -4.25 2.27 4.72
C ALA A 11 -4.57 1.56 3.40
N CYS A 12 -3.59 1.43 2.55
CA CYS A 12 -3.82 0.76 1.24
C CYS A 12 -3.98 -0.74 1.46
N ASP A 13 -4.42 -1.48 0.46
CA ASP A 13 -4.64 -2.95 0.65
C ASP A 13 -3.38 -3.61 1.23
N ALA A 14 -2.23 -3.18 0.83
CA ALA A 14 -0.97 -3.79 1.36
C ALA A 14 -0.82 -3.44 2.84
N CYS A 15 -0.84 -2.18 3.15
CA CYS A 15 -0.70 -1.74 4.56
C CYS A 15 -1.97 -2.11 5.33
N ARG A 16 -2.96 -2.62 4.66
CA ARG A 16 -4.23 -3.00 5.36
C ARG A 16 -4.12 -4.45 5.83
N LYS A 17 -3.43 -5.27 5.09
CA LYS A 17 -3.28 -6.70 5.49
C LYS A 17 -2.12 -6.83 6.47
N LYS A 18 -1.18 -5.94 6.40
CA LYS A 18 -0.02 -6.01 7.35
C LYS A 18 -0.09 -4.84 8.33
N LYS A 19 -0.83 -3.83 8.01
CA LYS A 19 -0.94 -2.66 8.93
C LYS A 19 0.38 -1.89 8.94
N TRP A 20 0.81 -1.42 7.80
CA TRP A 20 2.10 -0.67 7.75
C TRP A 20 1.82 0.81 7.46
N LYS A 21 0.71 1.29 7.92
CA LYS A 21 0.34 2.73 7.71
C LYS A 21 0.75 3.20 6.31
N CYS A 22 -0.19 3.27 5.40
CA CYS A 22 0.13 3.74 4.03
C CYS A 22 0.04 5.27 3.98
N SER A 23 0.55 5.88 2.95
CA SER A 23 0.51 7.38 2.85
C SER A 23 -0.58 7.77 1.86
N LYS A 24 -1.15 6.81 1.19
CA LYS A 24 -2.24 7.11 0.22
C LYS A 24 -1.64 7.76 -1.03
N THR A 25 -0.97 6.99 -1.84
CA THR A 25 -0.36 7.55 -3.07
C THR A 25 -0.46 6.51 -4.20
N VAL A 26 -0.48 6.94 -5.43
CA VAL A 26 -0.56 5.98 -6.56
C VAL A 26 0.65 6.15 -7.48
N PRO A 27 0.86 5.21 -8.35
CA PRO A 27 0.00 4.00 -8.47
C PRO A 27 0.18 3.08 -7.26
N THR A 28 1.41 2.80 -6.91
CA THR A 28 1.67 1.89 -5.75
C THR A 28 2.23 2.69 -4.58
N CYS A 29 1.62 2.59 -3.43
CA CYS A 29 2.13 3.33 -2.25
C CYS A 29 3.63 3.07 -2.12
N THR A 30 4.34 3.95 -1.47
CA THR A 30 5.81 3.76 -1.32
C THR A 30 6.14 2.37 -0.74
N ASN A 31 5.27 1.81 0.06
CA ASN A 31 5.57 0.48 0.64
C ASN A 31 5.39 -0.62 -0.41
N CYS A 32 4.51 -0.42 -1.35
CA CYS A 32 4.30 -1.46 -2.40
C CYS A 32 5.39 -1.31 -3.46
N LEU A 33 5.89 -0.12 -3.64
CA LEU A 33 6.98 0.10 -4.63
C LEU A 33 8.25 -0.55 -4.11
N LYS A 34 8.42 -0.57 -2.81
CA LYS A 34 9.64 -1.18 -2.21
C LYS A 34 9.53 -2.70 -2.33
N TYR A 35 8.49 -3.26 -1.79
CA TYR A 35 8.33 -4.74 -1.86
C TYR A 35 7.64 -5.10 -3.19
N ASN A 36 7.41 -4.13 -4.03
CA ASN A 36 6.76 -4.42 -5.34
C ASN A 36 5.58 -5.39 -5.13
N LEU A 37 4.45 -4.87 -4.75
CA LEU A 37 3.27 -5.76 -4.52
C LEU A 37 2.03 -5.13 -5.16
N ASP A 38 1.12 -5.93 -5.65
CA ASP A 38 -0.10 -5.38 -6.29
C ASP A 38 -0.78 -4.41 -5.33
N CYS A 39 -0.49 -3.14 -5.45
CA CYS A 39 -1.11 -2.14 -4.54
C CYS A 39 -2.55 -1.84 -5.01
N VAL A 40 -3.53 -2.18 -4.22
CA VAL A 40 -4.94 -1.92 -4.62
C VAL A 40 -5.59 -1.00 -3.59
N TYR A 41 -6.68 -0.38 -3.94
CA TYR A 41 -7.37 0.53 -2.99
C TYR A 41 -8.87 0.23 -2.98
N SER A 42 -9.60 0.78 -2.04
CA SER A 42 -11.07 0.54 -1.99
C SER A 42 -11.32 -0.96 -1.75
CD CD B . 0.39 0.91 1.44
CD CD C . -0.05 -0.71 -1.76
#